data_6RNH
#
_entry.id   6RNH
#
_cell.length_a   211.860
_cell.length_b   211.860
_cell.length_c   105.060
_cell.angle_alpha   90.000
_cell.angle_beta   90.000
_cell.angle_gamma   120.000
#
_symmetry.space_group_name_H-M   'P 65 2 2'
#
loop_
_entity.id
_entity.type
_entity.pdbx_description
1 polymer "IMP-specific 5'-nucleotidase, putative"
2 non-polymer GLYCEROL
3 water water
#
_entity_poly.entity_id   1
_entity_poly.type   'polypeptide(L)'
_entity_poly.pdbx_seq_one_letter_code
;MKNLDINTFDNIEDIPLGSSEQDPYDFFTLSDRNVMNSDMKKNIVQWNSRYSYNQLKNKDSLIMFLVEIFRSLFVSNCID
KNIDNVLLSIEEMFIDHYYNPQHSRLKYLIDDVGIFFTKLPITKAFHTYNKKYRITKRLYAPPTFNEVRHILNLAQILSL
EEGLDLLTFDADETLYPDGHDFNDEVLASYISCLLKKMNIAIVTAASYNNDAEKYQKRLENLLKYFSKHNIKDGSYKNFY
VMGGESNYLFKCNEEATLYSVPENEWRHYKKFVDYDTVQEILNISEKCLEKVIKDFGLCAQIQRKEKSIGLVPNKIPSLN
IKNEQKNYMIKYEVLEEAVIRIKKEIIKNKITAPYCAFNGGQDLWVDVGNKAEGLLILQKLLKIQKKKCCHIGDQFLHSG
NDFPTRFCSLTLWVSNPQETKACLKSIMHLN
;
_entity_poly.pdbx_strand_id   A,B
#
# COMPACT_ATOMS: atom_id res chain seq x y z
N ASP A 10 30.43 10.12 8.54
CA ASP A 10 31.82 9.69 8.72
C ASP A 10 32.14 9.44 10.18
N ASN A 11 31.32 10.00 11.07
CA ASN A 11 31.56 9.92 12.50
C ASN A 11 30.29 9.48 13.23
N ILE A 12 30.49 8.83 14.38
CA ILE A 12 29.36 8.38 15.19
C ILE A 12 28.63 9.56 15.82
N GLU A 13 29.35 10.66 16.08
CA GLU A 13 28.73 11.84 16.70
C GLU A 13 27.68 12.45 15.79
N ASP A 14 28.00 12.60 14.50
CA ASP A 14 27.04 13.08 13.51
C ASP A 14 26.14 12.00 12.95
N ILE A 15 26.41 10.72 13.20
CA ILE A 15 25.55 9.66 12.67
C ILE A 15 24.22 9.68 13.41
N PRO A 16 23.11 9.35 12.74
CA PRO A 16 21.81 9.38 13.43
C PRO A 16 21.49 8.07 14.13
N LEU A 17 21.39 8.12 15.45
CA LEU A 17 21.11 6.91 16.23
C LEU A 17 19.66 6.88 16.71
N GLY A 18 19.33 7.73 17.68
CA GLY A 18 18.05 7.63 18.35
C GLY A 18 17.95 6.33 19.13
N SER A 19 18.89 6.15 20.06
CA SER A 19 18.97 4.89 20.81
C SER A 19 17.74 4.67 21.69
N SER A 20 17.09 5.75 22.11
CA SER A 20 15.94 5.67 23.01
C SER A 20 14.62 5.80 22.27
N GLU A 21 14.61 5.55 20.96
CA GLU A 21 13.37 5.47 20.19
C GLU A 21 12.87 4.03 20.16
N GLN A 22 11.58 3.88 19.82
CA GLN A 22 10.97 2.57 19.71
C GLN A 22 10.40 2.41 18.31
N ASP A 23 10.66 1.24 17.70
CA ASP A 23 9.96 0.88 16.48
C ASP A 23 8.47 0.73 16.78
N PRO A 24 7.61 1.06 15.81
CA PRO A 24 6.17 0.90 16.02
C PRO A 24 5.82 -0.50 16.52
N TYR A 25 4.89 -0.56 17.46
CA TYR A 25 4.65 -1.78 18.22
C TYR A 25 4.18 -2.91 17.30
N ASP A 26 4.51 -4.14 17.68
CA ASP A 26 4.15 -5.33 16.93
C ASP A 26 3.12 -6.12 17.74
N PHE A 27 1.93 -6.30 17.16
CA PHE A 27 0.90 -7.11 17.79
C PHE A 27 0.99 -8.59 17.42
N PHE A 28 1.60 -8.89 16.27
CA PHE A 28 1.72 -10.27 15.81
C PHE A 28 2.99 -10.95 16.31
N THR A 29 3.95 -10.19 16.85
CA THR A 29 5.18 -10.70 17.43
C THR A 29 5.87 -11.70 16.50
N LEU A 30 6.23 -11.20 15.32
CA LEU A 30 6.97 -12.01 14.37
C LEU A 30 8.43 -12.20 14.79
N SER A 31 8.96 -11.29 15.63
CA SER A 31 10.32 -11.44 16.11
C SER A 31 10.44 -12.49 17.20
N ASP A 32 9.33 -12.92 17.78
CA ASP A 32 9.33 -13.95 18.81
C ASP A 32 9.81 -15.28 18.23
N ARG A 33 11.12 -15.54 18.31
CA ARG A 33 11.66 -16.79 17.76
C ARG A 33 11.28 -18.01 18.61
N ASN A 34 10.59 -17.83 19.72
CA ASN A 34 10.05 -18.97 20.47
C ASN A 34 8.82 -19.53 19.77
N VAL A 35 7.86 -18.67 19.44
CA VAL A 35 6.64 -19.12 18.78
C VAL A 35 6.90 -19.45 17.31
N MET A 36 7.79 -18.69 16.66
CA MET A 36 8.00 -18.85 15.23
C MET A 36 8.72 -20.14 14.87
N ASN A 37 9.45 -20.74 15.81
CA ASN A 37 10.21 -21.99 15.64
C ASN A 37 10.88 -22.11 14.28
N SER A 38 10.53 -23.16 13.52
CA SER A 38 11.19 -23.46 12.26
C SER A 38 10.98 -22.33 11.24
N ASP A 39 11.85 -22.31 10.23
CA ASP A 39 11.80 -21.28 9.19
C ASP A 39 10.57 -21.42 8.30
N MET A 40 9.89 -22.57 8.33
CA MET A 40 8.66 -22.72 7.56
C MET A 40 7.60 -21.73 8.02
N LYS A 41 7.37 -21.64 9.34
CA LYS A 41 6.32 -20.76 9.85
C LYS A 41 6.68 -19.30 9.65
N LYS A 42 7.97 -18.97 9.65
CA LYS A 42 8.40 -17.59 9.40
C LYS A 42 8.09 -17.17 7.96
N ASN A 43 8.31 -18.07 7.01
CA ASN A 43 8.11 -17.74 5.60
C ASN A 43 6.63 -17.62 5.24
N ILE A 44 5.74 -18.27 6.01
CA ILE A 44 4.31 -18.20 5.71
C ILE A 44 3.80 -16.78 5.91
N VAL A 45 4.21 -16.11 7.00
CA VAL A 45 3.62 -14.84 7.37
C VAL A 45 4.04 -13.71 6.44
N GLN A 46 5.18 -13.84 5.75
CA GLN A 46 5.63 -12.78 4.86
C GLN A 46 4.78 -12.68 3.59
N TRP A 47 4.06 -13.75 3.24
CA TRP A 47 3.18 -13.69 2.08
C TRP A 47 1.95 -12.85 2.38
N ASN A 48 1.40 -12.95 3.59
CA ASN A 48 0.25 -12.15 3.98
C ASN A 48 0.71 -10.75 4.35
N SER A 49 0.08 -9.74 3.74
CA SER A 49 0.54 -8.37 3.92
C SER A 49 0.15 -7.83 5.28
N ARG A 50 -1.08 -8.08 5.73
CA ARG A 50 -1.52 -7.59 7.03
C ARG A 50 -0.68 -8.18 8.16
N TYR A 51 -0.09 -9.36 7.95
CA TYR A 51 0.67 -10.01 9.01
C TYR A 51 1.99 -9.32 9.29
N SER A 52 2.66 -8.79 8.24
CA SER A 52 4.05 -8.40 8.36
C SER A 52 4.44 -7.11 7.67
N TYR A 53 3.51 -6.37 7.06
CA TYR A 53 3.90 -5.24 6.21
C TYR A 53 4.70 -4.20 6.99
N ASN A 54 4.09 -3.56 7.99
CA ASN A 54 4.72 -2.42 8.66
C ASN A 54 6.04 -2.84 9.31
N GLN A 55 6.07 -4.03 9.92
CA GLN A 55 7.29 -4.50 10.58
C GLN A 55 8.43 -4.64 9.57
N LEU A 56 8.13 -5.20 8.41
CA LEU A 56 9.08 -5.47 7.35
C LEU A 56 9.72 -4.19 6.82
N LYS A 57 8.94 -3.36 6.15
CA LYS A 57 9.41 -2.09 5.57
C LYS A 57 10.26 -1.28 6.54
N ASN A 58 9.92 -1.31 7.83
CA ASN A 58 10.71 -0.61 8.84
C ASN A 58 12.13 -1.16 8.93
N LYS A 59 12.29 -2.48 8.71
CA LYS A 59 13.62 -3.08 8.78
C LYS A 59 14.47 -2.71 7.57
N ASP A 60 13.85 -2.65 6.38
CA ASP A 60 14.57 -2.19 5.19
C ASP A 60 13.52 -1.66 4.22
N SER A 61 13.34 -0.34 4.22
CA SER A 61 12.30 0.28 3.39
C SER A 61 12.67 0.23 1.91
N LEU A 62 13.96 0.25 1.60
CA LEU A 62 14.39 0.21 0.20
C LEU A 62 13.94 -1.08 -0.47
N ILE A 63 14.08 -2.20 0.23
CA ILE A 63 13.64 -3.48 -0.32
C ILE A 63 12.14 -3.47 -0.56
N MET A 64 11.38 -2.99 0.42
CA MET A 64 9.93 -2.90 0.28
C MET A 64 9.54 -2.00 -0.90
N PHE A 65 10.27 -0.91 -1.10
CA PHE A 65 10.04 -0.04 -2.25
C PHE A 65 10.18 -0.82 -3.55
N LEU A 66 11.13 -1.74 -3.62
CA LEU A 66 11.28 -2.57 -4.81
C LEU A 66 10.20 -3.64 -4.89
N VAL A 67 9.76 -4.15 -3.73
CA VAL A 67 8.67 -5.13 -3.73
C VAL A 67 7.42 -4.53 -4.36
N GLU A 68 7.09 -3.28 -4.00
CA GLU A 68 5.88 -2.64 -4.51
C GLU A 68 5.96 -2.42 -6.01
N ILE A 69 7.15 -2.07 -6.52
CA ILE A 69 7.32 -1.87 -7.95
C ILE A 69 7.14 -3.20 -8.69
N PHE A 70 7.79 -4.25 -8.21
CA PHE A 70 7.67 -5.55 -8.85
C PHE A 70 6.28 -6.13 -8.70
N ARG A 71 5.61 -5.85 -7.57
CA ARG A 71 4.23 -6.28 -7.40
C ARG A 71 3.34 -5.68 -8.49
N SER A 72 3.45 -4.37 -8.70
CA SER A 72 2.67 -3.71 -9.74
C SER A 72 3.09 -4.19 -11.13
N LEU A 73 4.36 -4.54 -11.30
CA LEU A 73 4.79 -5.11 -12.58
C LEU A 73 4.17 -6.49 -12.80
N PHE A 74 4.06 -7.27 -11.74
CA PHE A 74 3.51 -8.62 -11.88
C PHE A 74 2.01 -8.58 -12.14
N VAL A 75 1.27 -7.76 -11.40
CA VAL A 75 -0.16 -7.68 -11.58
C VAL A 75 -0.55 -6.99 -12.89
N SER A 76 0.38 -6.25 -13.50
CA SER A 76 0.14 -5.76 -14.85
C SER A 76 0.31 -6.84 -15.90
N ASN A 77 0.72 -8.05 -15.49
CA ASN A 77 0.97 -9.17 -16.39
C ASN A 77 2.05 -8.84 -17.42
N CYS A 78 3.02 -8.01 -17.02
CA CYS A 78 4.12 -7.61 -17.88
C CYS A 78 5.48 -7.85 -17.25
N ILE A 79 5.53 -8.48 -16.07
CA ILE A 79 6.80 -8.69 -15.40
C ILE A 79 7.72 -9.59 -16.20
N ASP A 80 7.18 -10.42 -17.09
CA ASP A 80 7.97 -11.36 -17.87
C ASP A 80 8.31 -10.84 -19.26
N LYS A 81 7.80 -9.67 -19.64
CA LYS A 81 8.19 -9.04 -20.89
C LYS A 81 9.49 -8.27 -20.68
N ASN A 82 9.85 -7.42 -21.63
CA ASN A 82 11.06 -6.60 -21.51
C ASN A 82 10.79 -5.51 -20.49
N ILE A 83 11.27 -5.71 -19.26
CA ILE A 83 11.11 -4.73 -18.20
C ILE A 83 12.40 -3.94 -17.97
N ASP A 84 13.31 -3.95 -18.95
CA ASP A 84 14.61 -3.32 -18.76
C ASP A 84 14.51 -1.80 -18.64
N ASN A 85 13.42 -1.20 -19.12
CA ASN A 85 13.28 0.25 -18.99
C ASN A 85 13.02 0.65 -17.54
N VAL A 86 12.18 -0.10 -16.83
CA VAL A 86 11.93 0.19 -15.42
C VAL A 86 13.19 -0.06 -14.61
N LEU A 87 13.88 -1.18 -14.88
CA LEU A 87 15.07 -1.52 -14.11
C LEU A 87 16.18 -0.52 -14.36
N LEU A 88 16.38 -0.11 -15.61
CA LEU A 88 17.42 0.88 -15.92
C LEU A 88 17.11 2.22 -15.26
N SER A 89 15.84 2.59 -15.20
CA SER A 89 15.47 3.83 -14.53
C SER A 89 15.76 3.74 -13.04
N ILE A 90 15.44 2.60 -12.41
CA ILE A 90 15.76 2.42 -11.00
C ILE A 90 17.26 2.43 -10.79
N GLU A 91 18.01 1.81 -11.69
CA GLU A 91 19.47 1.84 -11.60
C GLU A 91 20.00 3.26 -11.75
N GLU A 92 19.36 4.06 -12.60
CA GLU A 92 19.80 5.44 -12.78
C GLU A 92 19.55 6.27 -11.52
N MET A 93 18.44 6.01 -10.82
CA MET A 93 18.21 6.65 -9.53
C MET A 93 19.23 6.19 -8.50
N PHE A 94 19.62 4.92 -8.55
CA PHE A 94 20.59 4.38 -7.61
C PHE A 94 21.96 5.02 -7.81
N ILE A 95 22.38 5.19 -9.06
CA ILE A 95 23.67 5.81 -9.34
C ILE A 95 23.61 7.29 -8.99
N ASP A 96 22.47 7.95 -9.26
CA ASP A 96 22.34 9.35 -8.87
C ASP A 96 22.33 9.51 -7.34
N HIS A 97 21.89 8.49 -6.61
CA HIS A 97 22.00 8.51 -5.16
C HIS A 97 23.41 8.16 -4.69
N TYR A 98 24.19 7.45 -5.51
CA TYR A 98 25.59 7.20 -5.18
C TYR A 98 26.39 8.48 -5.32
N TYR A 99 26.18 9.24 -6.40
CA TYR A 99 26.93 10.46 -6.63
C TYR A 99 26.55 11.55 -5.63
N ASN A 100 25.26 11.73 -5.39
CA ASN A 100 24.75 12.81 -4.54
C ASN A 100 23.74 12.21 -3.56
N PRO A 101 24.22 11.56 -2.49
CA PRO A 101 23.28 10.88 -1.58
C PRO A 101 22.37 11.83 -0.83
N GLN A 102 22.89 12.93 -0.32
CA GLN A 102 22.05 13.90 0.36
C GLN A 102 21.27 14.72 -0.65
N HIS A 103 19.98 14.91 -0.38
CA HIS A 103 19.05 15.65 -1.23
C HIS A 103 18.87 15.00 -2.61
N SER A 104 19.15 13.71 -2.73
CA SER A 104 18.84 13.02 -3.97
C SER A 104 17.34 12.77 -4.07
N ARG A 105 16.90 12.38 -5.28
CA ARG A 105 15.48 12.07 -5.45
C ARG A 105 15.13 10.76 -4.76
N LEU A 106 16.05 9.79 -4.78
CA LEU A 106 15.83 8.56 -4.04
C LEU A 106 15.76 8.82 -2.54
N LYS A 107 16.54 9.80 -2.06
CA LYS A 107 16.42 10.24 -0.67
C LYS A 107 15.05 10.86 -0.40
N TYR A 108 14.48 11.54 -1.40
CA TYR A 108 13.15 12.11 -1.23
C TYR A 108 12.09 11.01 -1.12
N LEU A 109 12.20 9.97 -1.94
CA LEU A 109 11.25 8.87 -1.88
C LEU A 109 11.33 8.14 -0.55
N ILE A 110 12.55 7.81 -0.12
CA ILE A 110 12.79 7.06 1.10
C ILE A 110 13.78 7.84 1.94
N ASP A 111 13.37 8.20 3.16
CA ASP A 111 14.25 8.99 4.02
C ASP A 111 15.40 8.14 4.57
N ASP A 112 15.13 6.87 4.89
CA ASP A 112 16.11 6.01 5.54
C ASP A 112 16.85 5.12 4.54
N VAL A 113 16.99 5.57 3.29
CA VAL A 113 17.71 4.77 2.30
C VAL A 113 19.18 4.64 2.68
N GLY A 114 19.74 5.66 3.31
CA GLY A 114 21.14 5.64 3.70
C GLY A 114 22.05 6.15 2.61
N ILE A 115 23.26 5.62 2.56
CA ILE A 115 24.24 6.01 1.56
C ILE A 115 24.66 4.79 0.77
N PHE A 116 24.89 4.99 -0.53
CA PHE A 116 25.46 3.97 -1.40
C PHE A 116 26.93 4.26 -1.61
N PHE A 117 27.77 3.23 -1.42
CA PHE A 117 29.20 3.37 -1.60
C PHE A 117 29.70 2.78 -2.91
N THR A 118 28.81 2.31 -3.78
CA THR A 118 29.23 1.71 -5.04
C THR A 118 28.11 1.86 -6.07
N LYS A 119 28.50 1.87 -7.34
CA LYS A 119 27.53 1.87 -8.43
C LYS A 119 26.81 0.53 -8.48
N LEU A 120 25.54 0.53 -8.09
CA LEU A 120 24.77 -0.72 -8.01
C LEU A 120 24.31 -1.13 -9.41
N PRO A 121 24.69 -2.31 -9.89
CA PRO A 121 24.13 -2.84 -11.15
C PRO A 121 22.90 -3.70 -10.85
N ILE A 122 21.86 -3.04 -10.34
CA ILE A 122 20.64 -3.74 -9.92
C ILE A 122 20.00 -4.45 -11.11
N THR A 123 20.12 -3.88 -12.31
CA THR A 123 19.57 -4.52 -13.50
C THR A 123 20.22 -5.88 -13.74
N LYS A 124 21.55 -5.93 -13.73
CA LYS A 124 22.24 -7.20 -13.94
C LYS A 124 21.95 -8.17 -12.80
N ALA A 125 21.84 -7.67 -11.58
CA ALA A 125 21.54 -8.55 -10.44
C ALA A 125 20.16 -9.17 -10.59
N PHE A 126 19.19 -8.41 -11.12
CA PHE A 126 17.86 -8.96 -11.35
C PHE A 126 17.89 -9.98 -12.48
N HIS A 127 18.53 -9.65 -13.59
CA HIS A 127 18.58 -10.57 -14.73
C HIS A 127 19.24 -11.88 -14.35
N THR A 128 20.33 -11.83 -13.58
CA THR A 128 21.04 -13.05 -13.21
C THR A 128 20.24 -13.86 -12.19
N TYR A 129 19.70 -13.19 -11.16
CA TYR A 129 18.90 -13.90 -10.16
C TYR A 129 17.66 -14.52 -10.81
N ASN A 130 17.01 -13.80 -11.72
CA ASN A 130 15.84 -14.34 -12.39
C ASN A 130 16.22 -15.53 -13.27
N LYS A 131 17.32 -15.42 -14.02
CA LYS A 131 17.71 -16.50 -14.91
C LYS A 131 18.04 -17.78 -14.15
N LYS A 132 18.50 -17.65 -12.90
CA LYS A 132 18.88 -18.85 -12.13
C LYS A 132 17.65 -19.55 -11.56
N TYR A 133 16.71 -18.79 -11.01
CA TYR A 133 15.54 -19.37 -10.34
C TYR A 133 14.23 -19.20 -11.09
N ARG A 134 14.20 -18.38 -12.15
CA ARG A 134 13.00 -18.19 -12.97
C ARG A 134 11.80 -17.80 -12.11
N ILE A 135 12.01 -16.78 -11.28
CA ILE A 135 10.95 -16.29 -10.39
C ILE A 135 9.90 -15.49 -11.15
N THR A 136 10.22 -15.05 -12.37
CA THR A 136 9.25 -14.31 -13.17
C THR A 136 8.22 -15.21 -13.82
N LYS A 137 8.49 -16.52 -13.87
CA LYS A 137 7.54 -17.46 -14.46
C LYS A 137 6.33 -17.69 -13.56
N ARG A 138 6.39 -17.28 -12.29
CA ARG A 138 5.29 -17.49 -11.36
C ARG A 138 4.08 -16.65 -11.79
N LEU A 139 2.96 -17.31 -12.06
CA LEU A 139 1.76 -16.63 -12.52
C LEU A 139 0.87 -16.15 -11.39
N TYR A 140 0.95 -16.79 -10.22
CA TYR A 140 0.06 -16.50 -9.11
C TYR A 140 0.76 -15.96 -7.88
N ALA A 141 2.08 -16.10 -7.78
CA ALA A 141 2.82 -15.63 -6.62
C ALA A 141 3.82 -14.56 -7.07
N PRO A 142 3.70 -13.32 -6.60
CA PRO A 142 4.65 -12.29 -6.99
C PRO A 142 5.97 -12.46 -6.27
N PRO A 143 7.01 -11.75 -6.69
CA PRO A 143 8.30 -11.84 -5.98
C PRO A 143 8.15 -11.37 -4.54
N THR A 144 8.64 -12.20 -3.61
CA THR A 144 8.47 -11.94 -2.20
C THR A 144 9.64 -11.11 -1.66
N PHE A 145 9.60 -10.82 -0.35
CA PHE A 145 10.62 -9.98 0.26
C PHE A 145 11.97 -10.68 0.32
N ASN A 146 11.96 -12.00 0.53
CA ASN A 146 13.21 -12.74 0.65
C ASN A 146 13.99 -12.73 -0.65
N GLU A 147 13.29 -12.68 -1.79
CA GLU A 147 13.98 -12.79 -3.07
C GLU A 147 14.57 -11.47 -3.52
N VAL A 148 13.93 -10.34 -3.18
CA VAL A 148 14.49 -9.05 -3.53
C VAL A 148 15.66 -8.70 -2.60
N ARG A 149 15.63 -9.18 -1.36
CA ARG A 149 16.79 -8.98 -0.49
C ARG A 149 17.97 -9.83 -0.94
N HIS A 150 17.71 -10.97 -1.59
CA HIS A 150 18.78 -11.71 -2.24
C HIS A 150 19.33 -10.93 -3.43
N ILE A 151 18.46 -10.26 -4.18
CA ILE A 151 18.91 -9.48 -5.32
C ILE A 151 19.78 -8.32 -4.86
N LEU A 152 19.36 -7.64 -3.78
CA LEU A 152 20.15 -6.52 -3.25
C LEU A 152 21.52 -7.00 -2.79
N ASN A 153 21.59 -8.20 -2.21
CA ASN A 153 22.87 -8.80 -1.90
C ASN A 153 23.69 -9.01 -3.17
N LEU A 154 23.05 -9.56 -4.21
CA LEU A 154 23.74 -9.76 -5.48
C LEU A 154 24.15 -8.43 -6.09
N ALA A 155 23.30 -7.41 -5.98
CA ALA A 155 23.64 -6.11 -6.56
C ALA A 155 24.83 -5.48 -5.84
N GLN A 156 24.93 -5.68 -4.52
CA GLN A 156 26.03 -5.09 -3.78
C GLN A 156 27.35 -5.83 -4.00
N ILE A 157 27.29 -7.16 -4.16
CA ILE A 157 28.49 -7.92 -4.47
C ILE A 157 28.99 -7.57 -5.87
N LEU A 158 28.10 -7.56 -6.86
CA LEU A 158 28.49 -7.21 -8.22
C LEU A 158 28.95 -5.76 -8.32
N SER A 159 28.35 -4.87 -7.53
CA SER A 159 28.81 -3.49 -7.49
C SER A 159 30.26 -3.40 -7.04
N LEU A 160 30.57 -4.02 -5.90
CA LEU A 160 31.92 -4.07 -5.38
C LEU A 160 32.88 -4.68 -6.41
N GLU A 161 33.30 -3.89 -7.39
CA GLU A 161 34.15 -4.39 -8.46
C GLU A 161 35.63 -4.33 -8.08
N GLU A 162 36.04 -3.28 -7.38
CA GLU A 162 37.46 -3.04 -7.13
C GLU A 162 38.05 -4.07 -6.17
N GLY A 163 37.35 -4.39 -5.09
CA GLY A 163 37.86 -5.30 -4.08
C GLY A 163 37.58 -4.85 -2.67
N LEU A 164 37.99 -5.65 -1.68
CA LEU A 164 37.70 -5.39 -0.28
C LEU A 164 38.98 -5.42 0.55
N ASP A 165 38.96 -4.68 1.65
CA ASP A 165 39.99 -4.77 2.68
C ASP A 165 39.46 -5.13 4.06
N LEU A 166 38.18 -4.87 4.33
CA LEU A 166 37.61 -5.14 5.64
C LEU A 166 36.31 -5.93 5.48
N LEU A 167 36.16 -6.99 6.27
CA LEU A 167 34.94 -7.78 6.32
C LEU A 167 34.53 -7.92 7.78
N THR A 168 33.28 -7.56 8.08
CA THR A 168 32.79 -7.53 9.44
C THR A 168 31.57 -8.44 9.58
N PHE A 169 31.48 -9.13 10.71
CA PHE A 169 30.42 -10.09 10.99
C PHE A 169 29.70 -9.71 12.27
N ASP A 170 28.38 -9.64 12.21
CA ASP A 170 27.59 -9.58 13.44
C ASP A 170 27.62 -10.97 14.07
N ALA A 171 28.54 -11.19 15.02
CA ALA A 171 28.84 -12.54 15.47
C ALA A 171 27.66 -13.20 16.16
N ASP A 172 26.88 -12.42 16.91
CA ASP A 172 25.71 -12.97 17.59
C ASP A 172 24.69 -13.49 16.60
N GLU A 173 24.65 -12.91 15.39
CA GLU A 173 23.61 -13.25 14.43
C GLU A 173 24.00 -14.41 13.54
N THR A 174 25.22 -14.38 13.00
CA THR A 174 25.66 -15.30 11.95
C THR A 174 26.59 -16.40 12.43
N LEU A 175 27.55 -16.08 13.31
CA LEU A 175 28.59 -17.05 13.64
C LEU A 175 28.10 -18.07 14.67
N TYR A 176 27.45 -17.61 15.74
CA TYR A 176 27.00 -18.52 16.80
C TYR A 176 25.67 -19.15 16.43
N PRO A 177 25.58 -20.49 16.42
CA PRO A 177 24.28 -21.16 16.21
C PRO A 177 23.47 -21.16 17.50
N ASP A 178 22.39 -20.37 17.52
CA ASP A 178 21.42 -20.34 18.62
C ASP A 178 22.08 -20.03 19.96
N GLY A 179 23.12 -19.20 19.97
CA GLY A 179 23.80 -18.85 21.20
C GLY A 179 24.91 -19.80 21.59
N HIS A 180 25.05 -20.95 20.92
CA HIS A 180 26.13 -21.86 21.21
C HIS A 180 27.45 -21.29 20.72
N ASP A 181 28.53 -22.04 20.92
CA ASP A 181 29.82 -21.66 20.40
C ASP A 181 29.87 -21.89 18.89
N PHE A 182 30.92 -21.37 18.26
CA PHE A 182 31.14 -21.59 16.83
C PHE A 182 31.28 -23.09 16.57
N ASN A 183 30.46 -23.61 15.66
CA ASN A 183 30.44 -25.03 15.38
C ASN A 183 30.04 -25.25 13.92
N ASP A 184 30.81 -24.66 13.01
CA ASP A 184 30.58 -24.81 11.56
C ASP A 184 31.95 -24.86 10.89
N GLU A 185 32.45 -26.06 10.67
CA GLU A 185 33.81 -26.22 10.14
C GLU A 185 33.90 -25.82 8.68
N VAL A 186 32.83 -26.04 7.91
CA VAL A 186 32.83 -25.63 6.50
C VAL A 186 32.91 -24.11 6.39
N LEU A 187 32.20 -23.40 7.27
CA LEU A 187 32.25 -21.95 7.27
C LEU A 187 33.64 -21.44 7.61
N ALA A 188 34.39 -22.17 8.44
CA ALA A 188 35.73 -21.72 8.83
C ALA A 188 36.66 -21.64 7.63
N SER A 189 36.51 -22.54 6.67
CA SER A 189 37.38 -22.54 5.49
C SER A 189 37.19 -21.27 4.67
N TYR A 190 35.93 -20.88 4.44
CA TYR A 190 35.66 -19.62 3.74
C TYR A 190 36.25 -18.44 4.50
N ILE A 191 36.06 -18.42 5.82
CA ILE A 191 36.56 -17.32 6.64
C ILE A 191 38.08 -17.26 6.58
N SER A 192 38.73 -18.43 6.59
CA SER A 192 40.19 -18.47 6.56
C SER A 192 40.73 -17.97 5.23
N CYS A 193 40.13 -18.41 4.11
CA CYS A 193 40.59 -17.95 2.81
C CYS A 193 40.38 -16.45 2.64
N LEU A 194 39.32 -15.91 3.25
CA LEU A 194 39.07 -14.47 3.14
C LEU A 194 40.05 -13.66 3.98
N LEU A 195 40.44 -14.20 5.14
CA LEU A 195 41.42 -13.49 5.97
C LEU A 195 42.76 -13.36 5.26
N LYS A 196 43.13 -14.37 4.47
CA LYS A 196 44.38 -14.31 3.72
C LYS A 196 44.41 -13.09 2.80
N LYS A 197 43.28 -12.76 2.19
CA LYS A 197 43.23 -11.66 1.24
C LYS A 197 42.86 -10.33 1.88
N MET A 198 42.03 -10.34 2.92
CA MET A 198 41.51 -9.11 3.48
C MET A 198 41.36 -9.25 4.99
N ASN A 199 41.25 -8.11 5.66
CA ASN A 199 41.08 -8.12 7.11
C ASN A 199 39.67 -8.57 7.47
N ILE A 200 39.56 -9.28 8.59
CA ILE A 200 38.30 -9.80 9.08
C ILE A 200 38.09 -9.27 10.50
N ALA A 201 36.95 -8.60 10.71
CA ALA A 201 36.58 -8.05 12.00
C ALA A 201 35.31 -8.73 12.50
N ILE A 202 35.25 -8.98 13.80
CA ILE A 202 34.11 -9.64 14.43
C ILE A 202 33.57 -8.70 15.51
N VAL A 203 32.32 -8.30 15.37
CA VAL A 203 31.62 -7.50 16.36
C VAL A 203 30.55 -8.36 17.00
N THR A 204 30.60 -8.49 18.32
CA THR A 204 29.64 -9.28 19.07
C THR A 204 29.14 -8.47 20.26
N ALA A 205 27.85 -8.60 20.55
CA ALA A 205 27.25 -7.85 21.65
C ALA A 205 27.56 -8.42 23.03
N ALA A 206 28.21 -9.58 23.09
CA ALA A 206 28.50 -10.20 24.39
C ALA A 206 29.55 -9.39 25.15
N SER A 207 29.34 -9.24 26.45
CA SER A 207 30.22 -8.47 27.32
C SER A 207 30.77 -9.38 28.40
N TYR A 208 32.03 -9.77 28.25
CA TYR A 208 32.73 -10.61 29.23
C TYR A 208 33.83 -9.83 29.94
N ASN A 209 33.60 -8.54 30.18
CA ASN A 209 34.61 -7.63 30.76
C ASN A 209 35.83 -7.67 29.82
N ASN A 210 37.06 -7.74 30.35
CA ASN A 210 38.26 -7.80 29.53
C ASN A 210 38.91 -9.18 29.63
N ASP A 211 38.09 -10.23 29.72
CA ASP A 211 38.58 -11.60 29.82
C ASP A 211 38.70 -12.17 28.40
N ALA A 212 39.93 -12.22 27.89
CA ALA A 212 40.14 -12.69 26.52
C ALA A 212 39.84 -14.19 26.38
N GLU A 213 39.99 -14.96 27.47
CA GLU A 213 39.76 -16.39 27.37
C GLU A 213 38.28 -16.70 27.18
N LYS A 214 37.40 -15.88 27.77
CA LYS A 214 35.96 -16.11 27.62
C LYS A 214 35.52 -15.85 26.18
N TYR A 215 36.02 -14.77 25.56
CA TYR A 215 35.72 -14.51 24.16
C TYR A 215 36.28 -15.61 23.26
N GLN A 216 37.44 -16.16 23.62
CA GLN A 216 38.02 -17.23 22.82
C GLN A 216 37.21 -18.52 22.92
N LYS A 217 36.59 -18.77 24.08
CA LYS A 217 35.82 -19.99 24.26
C LYS A 217 34.70 -20.11 23.23
N ARG A 218 34.06 -19.00 22.89
CA ARG A 218 33.03 -19.04 21.85
C ARG A 218 33.64 -19.24 20.47
N LEU A 219 34.83 -18.71 20.24
CA LEU A 219 35.52 -18.82 18.96
C LEU A 219 36.60 -19.90 18.96
N GLU A 220 36.53 -20.85 19.90
CA GLU A 220 37.58 -21.84 20.05
C GLU A 220 37.68 -22.75 18.83
N ASN A 221 36.54 -23.23 18.33
CA ASN A 221 36.56 -24.08 17.16
C ASN A 221 37.08 -23.36 15.93
N LEU A 222 36.68 -22.09 15.76
CA LEU A 222 37.12 -21.32 14.61
C LEU A 222 38.62 -21.03 14.69
N LEU A 223 39.12 -20.72 15.88
CA LEU A 223 40.55 -20.42 16.03
C LEU A 223 41.44 -21.65 15.82
N LYS A 224 40.89 -22.86 15.97
CA LYS A 224 41.66 -24.05 15.66
C LYS A 224 41.97 -24.15 14.17
N TYR A 225 40.98 -23.84 13.33
CA TYR A 225 41.21 -23.81 11.89
C TYR A 225 42.19 -22.70 11.52
N PHE A 226 42.05 -21.53 12.16
CA PHE A 226 42.97 -20.43 11.93
C PHE A 226 44.41 -20.84 12.21
N SER A 227 44.63 -21.55 13.32
CA SER A 227 45.99 -21.97 13.67
C SER A 227 46.52 -23.04 12.72
N LYS A 228 45.62 -23.79 12.08
CA LYS A 228 46.06 -24.90 11.23
C LYS A 228 46.57 -24.40 9.89
N HIS A 229 45.84 -23.48 9.26
CA HIS A 229 46.13 -23.04 7.90
C HIS A 229 46.58 -21.59 7.79
N ASN A 230 46.06 -20.70 8.63
CA ASN A 230 46.31 -19.27 8.44
C ASN A 230 47.62 -18.81 9.07
N ILE A 231 48.04 -19.43 10.18
CA ILE A 231 49.22 -18.99 10.91
C ILE A 231 50.49 -19.00 10.05
N LYS A 232 50.48 -19.70 8.91
CA LYS A 232 51.69 -19.84 8.12
C LYS A 232 52.07 -18.54 7.42
N ASP A 233 51.09 -17.72 7.01
CA ASP A 233 51.34 -16.56 6.17
C ASP A 233 50.92 -15.25 6.83
N GLY A 234 51.06 -15.17 8.16
CA GLY A 234 50.87 -13.92 8.88
C GLY A 234 49.51 -13.27 8.73
N SER A 235 48.53 -13.99 8.18
CA SER A 235 47.19 -13.43 8.04
C SER A 235 46.50 -13.24 9.39
N TYR A 236 46.96 -13.96 10.43
CA TYR A 236 46.34 -13.86 11.75
C TYR A 236 46.40 -12.44 12.31
N LYS A 237 47.37 -11.63 11.86
CA LYS A 237 47.47 -10.27 12.37
C LYS A 237 46.27 -9.42 11.94
N ASN A 238 45.65 -9.74 10.81
CA ASN A 238 44.52 -8.97 10.32
C ASN A 238 43.23 -9.28 11.06
N PHE A 239 43.20 -10.34 11.86
CA PHE A 239 41.98 -10.74 12.57
C PHE A 239 41.79 -9.88 13.82
N TYR A 240 40.59 -9.35 13.99
CA TYR A 240 40.25 -8.53 15.15
C TYR A 240 38.87 -8.91 15.65
N VAL A 241 38.69 -8.80 16.97
CA VAL A 241 37.43 -9.10 17.63
C VAL A 241 37.06 -7.93 18.53
N MET A 242 35.77 -7.61 18.62
CA MET A 242 35.28 -6.49 19.38
C MET A 242 34.24 -6.96 20.39
N GLY A 243 34.53 -6.77 21.67
CA GLY A 243 33.61 -7.14 22.74
C GLY A 243 32.69 -6.00 23.13
N GLY A 244 31.85 -6.28 24.13
CA GLY A 244 30.81 -5.34 24.51
C GLY A 244 29.93 -5.07 23.31
N GLU A 245 29.85 -3.82 22.90
CA GLU A 245 29.39 -3.47 21.57
C GLU A 245 30.39 -2.57 20.86
N SER A 246 31.02 -1.65 21.59
CA SER A 246 32.16 -0.90 21.08
C SER A 246 33.16 -0.61 22.22
N ASN A 247 33.20 -1.48 23.22
CA ASN A 247 33.90 -1.21 24.47
C ASN A 247 35.29 -1.85 24.54
N TYR A 248 35.45 -3.09 24.07
CA TYR A 248 36.70 -3.82 24.19
C TYR A 248 37.15 -4.32 22.82
N LEU A 249 38.46 -4.29 22.59
CA LEU A 249 39.05 -4.69 21.32
C LEU A 249 40.16 -5.71 21.58
N PHE A 250 40.18 -6.76 20.77
CA PHE A 250 41.20 -7.81 20.85
C PHE A 250 41.75 -8.11 19.46
N LYS A 251 43.02 -8.48 19.43
CA LYS A 251 43.69 -8.95 18.22
C LYS A 251 44.20 -10.36 18.46
N CYS A 252 44.85 -10.92 17.44
CA CYS A 252 45.39 -12.27 17.50
C CYS A 252 46.91 -12.21 17.61
N ASN A 253 47.47 -13.12 18.40
CA ASN A 253 48.90 -13.25 18.56
C ASN A 253 49.41 -14.47 17.78
N GLU A 254 50.67 -14.84 18.01
CA GLU A 254 51.26 -15.98 17.32
C GLU A 254 50.44 -17.25 17.51
N GLU A 255 50.18 -17.61 18.77
CA GLU A 255 49.32 -18.75 19.06
C GLU A 255 47.86 -18.40 18.77
N ALA A 256 47.03 -19.45 18.67
CA ALA A 256 45.61 -19.26 18.39
C ALA A 256 44.86 -18.73 19.61
N THR A 257 45.35 -17.64 20.20
CA THR A 257 44.77 -17.05 21.38
C THR A 257 44.68 -15.54 21.21
N LEU A 258 43.58 -14.96 21.70
CA LEU A 258 43.35 -13.53 21.56
C LEU A 258 44.15 -12.75 22.60
N TYR A 259 44.74 -11.64 22.19
CA TYR A 259 45.43 -10.73 23.10
C TYR A 259 44.85 -9.34 22.93
N SER A 260 44.63 -8.66 24.06
CA SER A 260 43.95 -7.37 24.02
C SER A 260 44.87 -6.30 23.45
N VAL A 261 44.31 -5.48 22.57
CA VAL A 261 45.03 -4.32 22.05
C VAL A 261 45.16 -3.28 23.16
N PRO A 262 46.32 -2.67 23.34
CA PRO A 262 46.47 -1.65 24.39
C PRO A 262 45.45 -0.53 24.23
N GLU A 263 44.88 -0.10 25.35
CA GLU A 263 43.82 0.90 25.32
C GLU A 263 44.31 2.21 24.70
N ASN A 264 45.55 2.60 24.98
CA ASN A 264 46.07 3.87 24.47
C ASN A 264 46.16 3.87 22.95
N GLU A 265 46.24 2.70 22.32
CA GLU A 265 46.42 2.64 20.88
C GLU A 265 45.16 3.10 20.13
N TRP A 266 43.99 2.73 20.64
CA TRP A 266 42.72 2.98 19.93
C TRP A 266 41.72 3.80 20.75
N ARG A 267 42.13 4.33 21.91
CA ARG A 267 41.17 4.96 22.81
C ARG A 267 40.48 6.16 22.16
N HIS A 268 41.22 6.96 21.39
CA HIS A 268 40.68 8.23 20.93
C HIS A 268 39.61 8.07 19.87
N TYR A 269 39.56 6.93 19.17
CA TYR A 269 38.65 6.78 18.05
C TYR A 269 37.19 6.71 18.52
N LYS A 270 36.94 6.03 19.63
CA LYS A 270 35.58 5.94 20.16
C LYS A 270 35.16 7.28 20.77
N LYS A 271 33.89 7.63 20.60
CA LYS A 271 33.37 8.84 21.21
C LYS A 271 33.47 8.75 22.73
N PHE A 272 33.87 9.86 23.35
CA PHE A 272 34.16 9.85 24.78
C PHE A 272 32.88 9.76 25.61
N VAL A 273 32.92 8.91 26.63
CA VAL A 273 31.87 8.83 27.64
C VAL A 273 32.51 9.01 29.00
N ASP A 274 31.99 9.95 29.79
CA ASP A 274 32.62 10.38 31.03
C ASP A 274 32.64 9.29 32.10
N TYR A 275 32.13 8.10 31.75
CA TYR A 275 32.14 6.92 32.61
C TYR A 275 31.16 7.06 33.77
N ASP A 276 31.14 8.21 34.43
CA ASP A 276 30.14 8.45 35.47
C ASP A 276 28.73 8.27 34.92
N THR A 277 28.52 8.69 33.66
CA THR A 277 27.25 8.44 33.01
C THR A 277 27.04 6.95 32.73
N VAL A 278 28.11 6.22 32.45
CA VAL A 278 28.00 4.79 32.17
C VAL A 278 27.34 4.07 33.34
N GLN A 279 27.82 4.31 34.55
CA GLN A 279 27.26 3.63 35.71
C GLN A 279 25.91 4.21 36.11
N GLU A 280 25.67 5.48 35.81
CA GLU A 280 24.32 6.02 35.98
C GLU A 280 23.33 5.30 35.09
N ILE A 281 23.73 4.97 33.86
CA ILE A 281 22.87 4.19 32.97
C ILE A 281 22.59 2.83 33.57
N LEU A 282 23.63 2.16 34.07
CA LEU A 282 23.45 0.82 34.63
C LEU A 282 22.60 0.84 35.89
N ASN A 283 22.71 1.91 36.69
CA ASN A 283 21.88 2.02 37.89
C ASN A 283 20.42 2.20 37.53
N ILE A 284 20.13 3.03 36.53
CA ILE A 284 18.75 3.21 36.08
C ILE A 284 18.18 1.91 35.56
N SER A 285 18.96 1.21 34.72
CA SER A 285 18.50 -0.05 34.16
C SER A 285 18.27 -1.10 35.25
N GLU A 286 19.18 -1.16 36.24
CA GLU A 286 19.04 -2.15 37.29
C GLU A 286 17.79 -1.90 38.12
N LYS A 287 17.46 -0.64 38.39
CA LYS A 287 16.26 -0.32 39.16
C LYS A 287 15.00 -0.65 38.35
N CYS A 288 15.02 -0.39 37.04
CA CYS A 288 13.87 -0.71 36.21
C CYS A 288 13.65 -2.22 36.13
N LEU A 289 14.73 -2.99 35.94
CA LEU A 289 14.61 -4.43 35.84
C LEU A 289 14.14 -5.05 37.15
N GLU A 290 14.62 -4.53 38.29
CA GLU A 290 14.15 -5.03 39.58
C GLU A 290 12.66 -4.79 39.74
N LYS A 291 12.18 -3.60 39.32
CA LYS A 291 10.75 -3.31 39.40
C LYS A 291 9.96 -4.19 38.43
N VAL A 292 10.53 -4.48 37.26
CA VAL A 292 9.86 -5.36 36.31
C VAL A 292 9.75 -6.77 36.88
N ILE A 293 10.83 -7.25 37.52
CA ILE A 293 10.80 -8.59 38.10
C ILE A 293 9.76 -8.67 39.20
N LYS A 294 9.68 -7.64 40.05
CA LYS A 294 8.68 -7.62 41.10
C LYS A 294 7.26 -7.54 40.53
N ASP A 295 7.08 -6.71 39.50
CA ASP A 295 5.73 -6.47 38.97
C ASP A 295 5.15 -7.73 38.33
N PHE A 296 5.97 -8.48 37.61
CA PHE A 296 5.50 -9.67 36.90
C PHE A 296 5.89 -10.96 37.60
N GLY A 297 6.51 -10.89 38.78
CA GLY A 297 6.91 -12.09 39.50
C GLY A 297 7.84 -12.98 38.70
N LEU A 298 8.82 -12.41 38.04
CA LEU A 298 9.69 -13.17 37.14
C LEU A 298 10.72 -13.97 37.93
N CYS A 299 11.14 -15.09 37.35
CA CYS A 299 12.21 -15.92 37.91
C CYS A 299 13.46 -15.67 37.07
N ALA A 300 14.16 -14.58 37.37
CA ALA A 300 15.31 -14.18 36.58
C ALA A 300 16.35 -13.54 37.48
N GLN A 301 17.53 -13.34 36.91
CA GLN A 301 18.67 -12.76 37.61
C GLN A 301 19.28 -11.66 36.74
N ILE A 302 19.86 -10.67 37.41
CA ILE A 302 20.50 -9.55 36.72
C ILE A 302 22.01 -9.75 36.78
N GLN A 303 22.64 -9.78 35.60
CA GLN A 303 24.10 -9.85 35.49
C GLN A 303 24.62 -8.51 35.03
N ARG A 304 25.47 -7.89 35.85
CA ARG A 304 26.03 -6.58 35.58
C ARG A 304 27.51 -6.73 35.26
N LYS A 305 27.94 -6.14 34.15
CA LYS A 305 29.34 -6.13 33.77
C LYS A 305 29.94 -4.75 34.07
N GLU A 306 31.15 -4.50 33.56
CA GLU A 306 31.77 -3.21 33.76
C GLU A 306 30.99 -2.10 33.09
N LYS A 307 30.67 -2.29 31.80
CA LYS A 307 29.91 -1.30 31.04
C LYS A 307 28.73 -1.98 30.34
N SER A 308 28.13 -2.97 30.99
CA SER A 308 26.99 -3.69 30.43
C SER A 308 26.17 -4.28 31.57
N ILE A 309 24.87 -4.45 31.32
CA ILE A 309 23.97 -5.04 32.30
C ILE A 309 22.89 -5.79 31.53
N GLY A 310 22.42 -6.90 32.11
CA GLY A 310 21.45 -7.73 31.43
C GLY A 310 20.49 -8.41 32.38
N LEU A 311 19.34 -8.78 31.84
CA LEU A 311 18.33 -9.57 32.53
C LEU A 311 18.29 -10.94 31.86
N VAL A 312 18.58 -11.98 32.62
CA VAL A 312 18.75 -13.33 32.08
C VAL A 312 17.82 -14.30 32.81
N PRO A 313 17.15 -15.20 32.11
CA PRO A 313 16.27 -16.16 32.79
C PRO A 313 17.04 -17.12 33.67
N ASN A 314 16.36 -17.63 34.70
CA ASN A 314 16.97 -18.50 35.69
C ASN A 314 16.98 -19.94 35.20
N LYS A 315 17.96 -20.70 35.68
CA LYS A 315 18.14 -22.08 35.21
C LYS A 315 17.02 -22.97 35.73
N ILE A 316 16.64 -23.95 34.91
CA ILE A 316 15.55 -24.85 35.24
C ILE A 316 15.93 -25.71 36.45
N ASN A 327 15.66 -23.94 31.28
CA ASN A 327 15.61 -22.51 31.60
C ASN A 327 14.18 -22.05 31.80
N TYR A 328 13.96 -21.28 32.86
CA TYR A 328 12.64 -20.71 33.11
C TYR A 328 12.26 -19.76 31.97
N MET A 329 11.03 -19.88 31.49
CA MET A 329 10.60 -19.10 30.34
C MET A 329 10.15 -17.71 30.77
N ILE A 330 10.69 -16.69 30.12
CA ILE A 330 10.29 -15.30 30.33
C ILE A 330 9.43 -14.86 29.14
N LYS A 331 8.27 -14.29 29.43
CA LYS A 331 7.36 -13.87 28.38
C LYS A 331 8.01 -12.82 27.48
N TYR A 332 7.95 -13.05 26.18
CA TYR A 332 8.57 -12.14 25.22
C TYR A 332 8.06 -10.71 25.37
N GLU A 333 6.76 -10.55 25.64
CA GLU A 333 6.18 -9.23 25.75
C GLU A 333 6.67 -8.48 26.98
N VAL A 334 6.93 -9.22 28.07
CA VAL A 334 7.52 -8.59 29.25
C VAL A 334 8.91 -8.08 28.94
N LEU A 335 9.65 -8.79 28.10
CA LEU A 335 10.98 -8.32 27.68
C LEU A 335 10.87 -7.03 26.88
N GLU A 336 9.92 -6.95 25.96
CA GLU A 336 9.70 -5.71 25.22
C GLU A 336 9.26 -4.59 26.15
N GLU A 337 8.40 -4.90 27.12
CA GLU A 337 7.96 -3.89 28.07
C GLU A 337 9.13 -3.33 28.87
N ALA A 338 10.07 -4.19 29.27
CA ALA A 338 11.19 -3.72 30.08
C ALA A 338 12.17 -2.91 29.27
N VAL A 339 12.34 -3.25 27.98
CA VAL A 339 13.23 -2.47 27.12
C VAL A 339 12.72 -1.05 26.95
N ILE A 340 11.42 -0.89 26.76
CA ILE A 340 10.85 0.44 26.57
C ILE A 340 10.88 1.23 27.88
N ARG A 341 10.65 0.54 29.01
CA ARG A 341 10.75 1.19 30.31
C ARG A 341 12.15 1.75 30.54
N ILE A 342 13.19 0.99 30.17
CA ILE A 342 14.56 1.44 30.39
C ILE A 342 14.87 2.64 29.51
N LYS A 343 14.43 2.61 28.25
CA LYS A 343 14.67 3.74 27.35
C LYS A 343 13.96 4.99 27.84
N LYS A 344 12.72 4.84 28.32
CA LYS A 344 11.97 6.01 28.79
C LYS A 344 12.61 6.60 30.04
N GLU A 345 13.02 5.74 30.98
CA GLU A 345 13.66 6.23 32.20
C GLU A 345 15.03 6.84 31.91
N ILE A 346 15.73 6.34 30.90
CA ILE A 346 17.00 6.92 30.53
C ILE A 346 16.80 8.32 29.94
N ILE A 347 15.73 8.50 29.17
CA ILE A 347 15.38 9.83 28.68
C ILE A 347 15.03 10.75 29.84
N LYS A 348 14.29 10.22 30.82
CA LYS A 348 13.83 11.04 31.95
C LYS A 348 14.99 11.66 32.72
N ASN A 349 16.16 11.01 32.69
CA ASN A 349 17.37 11.57 33.29
C ASN A 349 18.24 12.30 32.28
N LYS A 350 17.83 12.37 31.01
CA LYS A 350 18.50 13.15 29.97
C LYS A 350 19.96 12.72 29.82
N ILE A 351 20.11 11.50 29.30
CA ILE A 351 21.42 10.90 29.05
C ILE A 351 21.62 10.83 27.54
N THR A 352 22.69 11.46 27.04
CA THR A 352 22.94 11.57 25.61
C THR A 352 23.98 10.59 25.11
N ALA A 353 24.58 9.79 25.99
CA ALA A 353 25.64 8.88 25.56
C ALA A 353 25.06 7.82 24.63
N PRO A 354 25.77 7.47 23.55
CA PRO A 354 25.26 6.44 22.64
C PRO A 354 25.34 5.06 23.29
N TYR A 355 24.21 4.37 23.31
CA TYR A 355 24.13 3.04 23.91
C TYR A 355 23.15 2.20 23.11
N CYS A 356 23.05 0.93 23.46
CA CYS A 356 22.14 0.02 22.79
C CYS A 356 21.47 -0.88 23.82
N ALA A 357 20.15 -0.76 23.92
CA ALA A 357 19.32 -1.63 24.76
C ALA A 357 18.43 -2.44 23.83
N PHE A 358 18.75 -3.71 23.65
CA PHE A 358 18.06 -4.54 22.66
C PHE A 358 17.37 -5.73 23.33
N ASN A 359 16.35 -6.24 22.65
CA ASN A 359 15.51 -7.32 23.15
C ASN A 359 15.94 -8.61 22.46
N GLY A 360 16.62 -9.49 23.19
CA GLY A 360 16.97 -10.79 22.68
C GLY A 360 15.79 -11.75 22.73
N GLY A 361 16.03 -12.95 22.21
CA GLY A 361 14.99 -13.97 22.21
C GLY A 361 14.60 -14.40 23.61
N GLN A 362 15.59 -14.71 24.44
CA GLN A 362 15.36 -15.11 25.81
C GLN A 362 15.95 -14.16 26.84
N ASP A 363 16.80 -13.23 26.42
CA ASP A 363 17.52 -12.37 27.35
C ASP A 363 17.31 -10.91 26.97
N LEU A 364 17.52 -10.03 27.96
CA LEU A 364 17.49 -8.59 27.77
C LEU A 364 18.86 -8.04 28.13
N TRP A 365 19.34 -7.08 27.33
CA TRP A 365 20.69 -6.57 27.51
C TRP A 365 20.74 -5.07 27.21
N VAL A 366 21.44 -4.35 28.08
CA VAL A 366 21.70 -2.92 27.91
C VAL A 366 23.20 -2.73 27.89
N ASP A 367 23.71 -2.25 26.75
CA ASP A 367 25.13 -2.01 26.58
C ASP A 367 25.39 -0.53 26.37
N VAL A 368 26.51 -0.04 26.91
CA VAL A 368 26.87 1.36 26.77
C VAL A 368 27.74 1.51 25.53
N GLY A 369 27.52 0.65 24.54
CA GLY A 369 28.19 0.78 23.27
C GLY A 369 27.22 0.49 22.14
N ASN A 370 27.64 0.85 20.93
CA ASN A 370 26.87 0.61 19.73
C ASN A 370 27.76 -0.03 18.68
N LYS A 371 27.22 -1.00 17.94
CA LYS A 371 28.01 -1.69 16.93
C LYS A 371 28.34 -0.79 15.75
N ALA A 372 27.55 0.24 15.51
CA ALA A 372 27.93 1.24 14.51
C ALA A 372 29.14 2.04 14.99
N GLU A 373 29.21 2.31 16.29
CA GLU A 373 30.36 3.03 16.84
C GLU A 373 31.62 2.18 16.76
N GLY A 374 31.50 0.88 17.04
CA GLY A 374 32.65 0.00 16.94
C GLY A 374 33.08 -0.26 15.52
N LEU A 375 32.13 -0.29 14.59
CA LEU A 375 32.47 -0.42 13.17
C LEU A 375 33.26 0.79 12.69
N LEU A 376 32.87 1.99 13.10
CA LEU A 376 33.63 3.18 12.75
C LEU A 376 34.99 3.20 13.44
N ILE A 377 35.07 2.69 14.67
CA ILE A 377 36.35 2.61 15.37
C ILE A 377 37.31 1.68 14.62
N LEU A 378 36.81 0.55 14.12
CA LEU A 378 37.64 -0.35 13.34
C LEU A 378 38.04 0.28 12.01
N GLN A 379 37.15 1.08 11.41
CA GLN A 379 37.47 1.75 10.15
C GLN A 379 38.59 2.76 10.34
N LYS A 380 38.50 3.59 11.39
CA LYS A 380 39.51 4.62 11.63
C LYS A 380 40.84 4.01 12.05
N LEU A 381 40.80 2.92 12.82
CA LEU A 381 42.03 2.29 13.28
C LEU A 381 42.81 1.69 12.12
N LEU A 382 42.13 0.93 11.26
CA LEU A 382 42.76 0.32 10.10
C LEU A 382 42.93 1.28 8.94
N LYS A 383 42.41 2.51 9.05
CA LYS A 383 42.54 3.54 8.03
C LYS A 383 42.05 3.05 6.68
N ILE A 384 40.81 2.55 6.67
CA ILE A 384 40.18 1.99 5.48
C ILE A 384 39.07 2.94 5.03
N GLN A 385 38.98 3.15 3.72
CA GLN A 385 37.89 3.94 3.17
C GLN A 385 36.59 3.14 3.20
N LYS A 386 35.47 3.87 3.23
CA LYS A 386 34.17 3.23 3.42
C LYS A 386 33.78 2.35 2.23
N LYS A 387 34.21 2.73 1.02
CA LYS A 387 33.88 1.93 -0.15
C LYS A 387 34.44 0.52 -0.04
N LYS A 388 35.61 0.37 0.58
CA LYS A 388 36.25 -0.93 0.75
C LYS A 388 35.88 -1.59 2.08
N CYS A 389 34.68 -1.33 2.61
CA CYS A 389 34.21 -1.95 3.83
C CYS A 389 32.87 -2.61 3.58
N CYS A 390 32.68 -3.81 4.16
CA CYS A 390 31.43 -4.54 4.02
C CYS A 390 31.04 -5.12 5.37
N HIS A 391 29.76 -5.47 5.50
CA HIS A 391 29.22 -6.02 6.75
C HIS A 391 28.25 -7.14 6.44
N ILE A 392 28.39 -8.26 7.15
CA ILE A 392 27.48 -9.40 7.04
C ILE A 392 26.60 -9.39 8.28
N GLY A 393 25.31 -9.15 8.09
CA GLY A 393 24.39 -9.06 9.22
C GLY A 393 22.97 -9.37 8.82
N ASP A 394 22.22 -9.95 9.75
CA ASP A 394 20.81 -10.25 9.56
C ASP A 394 19.99 -9.06 10.07
N GLN A 395 19.19 -8.46 9.19
CA GLN A 395 18.43 -7.28 9.59
C GLN A 395 17.09 -7.62 10.24
N PHE A 396 16.75 -8.90 10.38
CA PHE A 396 15.54 -9.26 11.11
C PHE A 396 15.70 -9.01 12.61
N LEU A 397 16.86 -9.33 13.17
CA LEU A 397 16.99 -9.30 14.62
C LEU A 397 17.32 -7.90 15.13
N HIS A 398 18.24 -7.19 14.48
CA HIS A 398 18.70 -5.91 14.99
C HIS A 398 17.74 -4.80 14.57
N SER A 399 17.32 -3.98 15.54
CA SER A 399 16.44 -2.87 15.28
C SER A 399 17.18 -1.77 14.52
N GLY A 400 16.41 -1.01 13.74
CA GLY A 400 17.03 -0.02 12.86
C GLY A 400 17.63 1.17 13.59
N ASN A 401 17.03 1.57 14.71
CA ASN A 401 17.54 2.74 15.43
C ASN A 401 18.87 2.45 16.10
N ASP A 402 19.09 1.22 16.56
CA ASP A 402 20.34 0.88 17.21
C ASP A 402 21.49 0.82 16.21
N PHE A 403 21.29 0.13 15.10
CA PHE A 403 22.29 0.01 14.04
C PHE A 403 21.73 0.54 12.73
N PRO A 404 22.08 1.76 12.33
CA PRO A 404 21.61 2.28 11.04
C PRO A 404 22.15 1.44 9.90
N THR A 405 21.28 1.16 8.93
CA THR A 405 21.60 0.27 7.82
C THR A 405 22.24 1.06 6.68
N ARG A 406 23.38 0.56 6.19
CA ARG A 406 24.10 1.11 5.05
C ARG A 406 24.58 2.54 5.30
N PHE A 407 24.67 2.96 6.56
CA PHE A 407 25.30 4.23 6.89
C PHE A 407 26.81 4.10 7.08
N CYS A 408 27.28 2.93 7.48
CA CYS A 408 28.69 2.72 7.79
C CYS A 408 29.45 2.08 6.62
N SER A 409 28.86 1.06 6.01
CA SER A 409 29.50 0.34 4.91
C SER A 409 28.41 -0.39 4.13
N LEU A 410 28.83 -1.09 3.08
CA LEU A 410 27.92 -1.98 2.37
C LEU A 410 27.41 -3.06 3.31
N THR A 411 26.13 -3.37 3.21
CA THR A 411 25.47 -4.29 4.12
C THR A 411 24.80 -5.41 3.35
N LEU A 412 25.06 -6.66 3.76
CA LEU A 412 24.45 -7.84 3.19
C LEU A 412 23.53 -8.48 4.23
N TRP A 413 22.45 -9.09 3.74
CA TRP A 413 21.43 -9.68 4.59
C TRP A 413 21.47 -11.19 4.44
N VAL A 414 21.58 -11.90 5.56
CA VAL A 414 21.70 -13.34 5.59
C VAL A 414 20.79 -13.90 6.67
N SER A 415 19.94 -14.86 6.30
CA SER A 415 18.94 -15.38 7.23
C SER A 415 19.42 -16.61 7.99
N ASN A 416 20.37 -17.35 7.46
CA ASN A 416 20.79 -18.60 8.07
C ASN A 416 22.25 -18.84 7.72
N PRO A 417 22.91 -19.79 8.40
CA PRO A 417 24.31 -20.08 8.07
C PRO A 417 24.53 -20.48 6.62
N GLN A 418 23.53 -21.09 5.97
CA GLN A 418 23.72 -21.52 4.59
C GLN A 418 23.89 -20.32 3.66
N GLU A 419 23.07 -19.29 3.82
CA GLU A 419 23.19 -18.11 2.98
C GLU A 419 24.47 -17.33 3.28
N THR A 420 24.95 -17.40 4.52
CA THR A 420 26.25 -16.82 4.84
C THR A 420 27.37 -17.55 4.11
N LYS A 421 27.28 -18.89 4.05
CA LYS A 421 28.25 -19.66 3.26
C LYS A 421 28.24 -19.23 1.80
N ALA A 422 27.03 -19.09 1.22
CA ALA A 422 26.92 -18.77 -0.19
C ALA A 422 27.43 -17.37 -0.50
N CYS A 423 27.14 -16.41 0.37
CA CYS A 423 27.63 -15.04 0.16
C CYS A 423 29.16 -14.99 0.24
N LEU A 424 29.73 -15.68 1.23
CA LEU A 424 31.19 -15.68 1.37
C LEU A 424 31.86 -16.42 0.22
N LYS A 425 31.22 -17.47 -0.30
CA LYS A 425 31.75 -18.15 -1.47
C LYS A 425 31.73 -17.24 -2.69
N SER A 426 30.67 -16.44 -2.83
CA SER A 426 30.60 -15.48 -3.93
C SER A 426 31.63 -14.36 -3.77
N ILE A 427 31.85 -13.92 -2.53
CA ILE A 427 32.87 -12.93 -2.26
C ILE A 427 34.25 -13.52 -2.52
N MET A 428 34.42 -14.83 -2.32
CA MET A 428 35.71 -15.46 -2.53
C MET A 428 36.13 -15.39 -3.99
N HIS A 429 35.19 -15.53 -4.92
CA HIS A 429 35.46 -15.49 -6.35
C HIS A 429 35.42 -14.08 -6.92
N LEU A 430 35.54 -13.06 -6.07
CA LEU A 430 35.45 -11.67 -6.53
C LEU A 430 36.61 -11.32 -7.45
N ASN A 431 36.27 -10.84 -8.65
CA ASN A 431 37.25 -10.40 -9.65
C ASN A 431 38.41 -11.36 -9.83
N LYS B 59 -14.06 1.30 -2.25
CA LYS B 59 -13.92 2.33 -3.27
C LYS B 59 -14.40 1.82 -4.63
N ASP B 60 -13.44 1.45 -5.49
CA ASP B 60 -13.76 0.79 -6.76
C ASP B 60 -12.47 0.07 -7.17
N SER B 61 -12.46 -1.25 -7.00
CA SER B 61 -11.21 -2.00 -7.04
C SER B 61 -10.45 -1.83 -8.34
N LEU B 62 -11.15 -1.57 -9.44
CA LEU B 62 -10.49 -1.45 -10.73
C LEU B 62 -9.67 -0.17 -10.81
N ILE B 63 -10.24 0.96 -10.36
CA ILE B 63 -9.50 2.21 -10.37
C ILE B 63 -8.24 2.09 -9.52
N MET B 64 -8.38 1.52 -8.32
CA MET B 64 -7.23 1.33 -7.44
C MET B 64 -6.15 0.46 -8.08
N PHE B 65 -6.56 -0.47 -8.94
CA PHE B 65 -5.60 -1.30 -9.67
C PHE B 65 -4.72 -0.45 -10.57
N LEU B 66 -5.33 0.43 -11.36
CA LEU B 66 -4.56 1.27 -12.27
C LEU B 66 -3.79 2.34 -11.53
N VAL B 67 -4.37 2.90 -10.46
CA VAL B 67 -3.70 3.94 -9.70
C VAL B 67 -2.40 3.41 -9.10
N GLU B 68 -2.46 2.22 -8.48
CA GLU B 68 -1.29 1.66 -7.82
C GLU B 68 -0.20 1.29 -8.82
N ILE B 69 -0.60 0.84 -10.02
CA ILE B 69 0.37 0.55 -11.06
C ILE B 69 1.06 1.83 -11.52
N PHE B 70 0.29 2.89 -11.74
CA PHE B 70 0.86 4.16 -12.18
C PHE B 70 1.73 4.77 -11.10
N ARG B 71 1.35 4.59 -9.83
CA ARG B 71 2.19 5.04 -8.73
C ARG B 71 3.55 4.35 -8.76
N SER B 72 3.55 3.02 -8.84
CA SER B 72 4.81 2.28 -8.85
C SER B 72 5.62 2.57 -10.10
N LEU B 73 4.96 2.84 -11.22
CA LEU B 73 5.67 3.27 -12.42
C LEU B 73 6.31 4.64 -12.21
N PHE B 74 5.63 5.50 -11.45
CA PHE B 74 6.15 6.85 -11.23
C PHE B 74 7.35 6.84 -10.29
N VAL B 75 7.24 6.12 -9.17
CA VAL B 75 8.33 6.09 -8.19
C VAL B 75 9.59 5.46 -8.76
N SER B 76 9.48 4.72 -9.84
CA SER B 76 10.64 4.20 -10.55
C SER B 76 11.30 5.25 -11.42
N ASN B 77 10.72 6.45 -11.52
CA ASN B 77 11.27 7.55 -12.31
C ASN B 77 11.37 7.18 -13.79
N CYS B 78 10.37 6.42 -14.27
CA CYS B 78 10.31 6.01 -15.66
C CYS B 78 8.96 6.31 -16.30
N ILE B 79 8.12 7.09 -15.62
CA ILE B 79 6.75 7.30 -16.08
C ILE B 79 6.69 8.17 -17.33
N ASP B 80 7.74 8.95 -17.60
CA ASP B 80 7.77 9.83 -18.76
C ASP B 80 8.49 9.21 -19.94
N LYS B 81 9.08 8.03 -19.78
CA LYS B 81 9.74 7.34 -20.88
C LYS B 81 8.70 6.52 -21.65
N ASN B 82 9.17 5.70 -22.59
CA ASN B 82 8.28 4.83 -23.35
C ASN B 82 7.79 3.71 -22.43
N ILE B 83 6.54 3.81 -21.97
CA ILE B 83 5.97 2.84 -21.06
C ILE B 83 4.93 2.01 -21.79
N ASP B 84 5.08 1.86 -23.11
CA ASP B 84 4.06 1.18 -23.89
C ASP B 84 3.99 -0.31 -23.55
N ASN B 85 5.08 -0.90 -23.06
CA ASN B 85 5.06 -2.31 -22.71
C ASN B 85 4.12 -2.59 -21.54
N VAL B 86 4.12 -1.71 -20.54
CA VAL B 86 3.20 -1.88 -19.42
C VAL B 86 1.77 -1.60 -19.87
N LEU B 87 1.57 -0.53 -20.64
CA LEU B 87 0.23 -0.16 -21.07
C LEU B 87 -0.36 -1.21 -22.01
N LEU B 88 0.44 -1.72 -22.95
CA LEU B 88 -0.07 -2.73 -23.88
C LEU B 88 -0.38 -4.04 -23.17
N SER B 89 0.42 -4.39 -22.16
CA SER B 89 0.13 -5.60 -21.39
C SER B 89 -1.17 -5.47 -20.61
N ILE B 90 -1.42 -4.29 -20.04
CA ILE B 90 -2.68 -4.05 -19.35
C ILE B 90 -3.84 -4.06 -20.33
N GLU B 91 -3.63 -3.48 -21.52
CA GLU B 91 -4.68 -3.47 -22.53
C GLU B 91 -5.00 -4.87 -23.01
N GLU B 92 -3.96 -5.67 -23.29
CA GLU B 92 -4.17 -7.04 -23.73
C GLU B 92 -4.89 -7.85 -22.66
N MET B 93 -4.61 -7.57 -21.39
CA MET B 93 -5.31 -8.23 -20.30
C MET B 93 -6.77 -7.79 -20.24
N PHE B 94 -7.04 -6.52 -20.52
CA PHE B 94 -8.40 -6.02 -20.53
C PHE B 94 -9.19 -6.62 -21.69
N ILE B 95 -8.57 -6.72 -22.86
CA ILE B 95 -9.23 -7.33 -24.01
C ILE B 95 -9.41 -8.82 -23.78
N ASP B 96 -8.47 -9.47 -23.09
CA ASP B 96 -8.62 -10.87 -22.74
C ASP B 96 -9.68 -11.09 -21.67
N HIS B 97 -10.17 -10.04 -21.04
CA HIS B 97 -11.33 -10.16 -20.17
C HIS B 97 -12.62 -9.84 -20.92
N TYR B 98 -12.51 -9.04 -21.98
CA TYR B 98 -13.63 -8.86 -22.90
C TYR B 98 -14.05 -10.20 -23.50
N TYR B 99 -13.10 -10.94 -24.06
CA TYR B 99 -13.34 -12.28 -24.58
C TYR B 99 -13.15 -13.31 -23.48
N ASN B 100 -14.05 -14.30 -23.45
CA ASN B 100 -14.05 -15.30 -22.40
C ASN B 100 -13.98 -14.64 -21.02
N PRO B 101 -14.99 -13.86 -20.61
CA PRO B 101 -14.81 -13.06 -19.39
C PRO B 101 -14.74 -13.90 -18.13
N GLN B 102 -15.51 -14.99 -18.06
CA GLN B 102 -15.58 -15.77 -16.82
C GLN B 102 -14.27 -16.46 -16.50
N HIS B 103 -13.41 -16.70 -17.50
CA HIS B 103 -12.16 -17.43 -17.30
C HIS B 103 -10.94 -16.57 -17.59
N SER B 104 -11.07 -15.24 -17.53
CA SER B 104 -9.95 -14.38 -17.82
C SER B 104 -9.01 -14.29 -16.62
N ARG B 105 -7.77 -13.86 -16.90
CA ARG B 105 -6.81 -13.69 -15.82
C ARG B 105 -7.15 -12.50 -14.94
N LEU B 106 -7.79 -11.47 -15.52
CA LEU B 106 -8.22 -10.33 -14.72
C LEU B 106 -9.18 -10.75 -13.61
N LYS B 107 -9.98 -11.79 -13.86
CA LYS B 107 -10.93 -12.26 -12.84
C LYS B 107 -10.21 -12.69 -11.58
N TYR B 108 -9.03 -13.32 -11.72
CA TYR B 108 -8.28 -13.70 -10.53
C TYR B 108 -7.63 -12.49 -9.88
N LEU B 109 -7.07 -11.58 -10.67
CA LEU B 109 -6.38 -10.43 -10.10
C LEU B 109 -7.36 -9.46 -9.45
N ILE B 110 -8.50 -9.22 -10.10
CA ILE B 110 -9.56 -8.40 -9.54
C ILE B 110 -10.85 -9.19 -9.65
N ASP B 111 -11.47 -9.52 -8.51
CA ASP B 111 -12.64 -10.37 -8.52
C ASP B 111 -13.90 -9.63 -8.97
N ASP B 112 -13.99 -8.33 -8.71
CA ASP B 112 -15.18 -7.55 -9.00
C ASP B 112 -15.03 -6.70 -10.26
N VAL B 113 -14.31 -7.20 -11.26
CA VAL B 113 -14.21 -6.50 -12.54
C VAL B 113 -15.58 -6.38 -13.19
N GLY B 114 -16.41 -7.41 -13.05
CA GLY B 114 -17.68 -7.45 -13.74
C GLY B 114 -17.51 -7.92 -15.17
N ILE B 115 -18.28 -7.35 -16.09
CA ILE B 115 -18.23 -7.71 -17.49
C ILE B 115 -17.86 -6.47 -18.30
N PHE B 116 -17.05 -6.67 -19.33
CA PHE B 116 -16.69 -5.63 -20.28
C PHE B 116 -17.39 -5.92 -21.60
N PHE B 117 -18.11 -4.93 -22.12
CA PHE B 117 -18.91 -5.09 -23.32
C PHE B 117 -18.21 -4.56 -24.57
N THR B 118 -17.04 -3.92 -24.42
CA THR B 118 -16.27 -3.44 -25.55
C THR B 118 -14.79 -3.60 -25.24
N LYS B 119 -13.98 -3.67 -26.29
CA LYS B 119 -12.53 -3.73 -26.16
C LYS B 119 -12.02 -2.30 -26.02
N LEU B 120 -11.63 -1.93 -24.81
CA LEU B 120 -11.24 -0.53 -24.69
C LEU B 120 -9.75 -0.36 -24.98
N PRO B 121 -9.39 0.72 -25.66
CA PRO B 121 -7.97 1.04 -25.91
C PRO B 121 -7.39 1.93 -24.81
N ILE B 122 -7.10 1.31 -23.67
CA ILE B 122 -6.60 2.05 -22.51
C ILE B 122 -5.25 2.69 -22.82
N THR B 123 -4.43 2.03 -23.63
CA THR B 123 -3.15 2.61 -24.01
C THR B 123 -3.33 3.86 -24.86
N LYS B 124 -4.17 3.77 -25.90
CA LYS B 124 -4.40 4.93 -26.76
C LYS B 124 -5.11 6.04 -25.99
N ALA B 125 -5.96 5.68 -25.03
CA ALA B 125 -6.63 6.70 -24.23
C ALA B 125 -5.64 7.43 -23.33
N PHE B 126 -4.71 6.70 -22.72
CA PHE B 126 -3.68 7.32 -21.90
C PHE B 126 -2.81 8.24 -22.74
N HIS B 127 -2.38 7.76 -23.92
CA HIS B 127 -1.52 8.57 -24.79
C HIS B 127 -2.24 9.85 -25.23
N THR B 128 -3.54 9.75 -25.50
CA THR B 128 -4.31 10.92 -25.91
C THR B 128 -4.46 11.91 -24.77
N TYR B 129 -4.81 11.42 -23.58
CA TYR B 129 -5.04 12.28 -22.43
C TYR B 129 -3.74 12.92 -21.95
N ASN B 130 -2.64 12.17 -21.99
CA ASN B 130 -1.37 12.68 -21.47
C ASN B 130 -0.89 13.90 -22.25
N LYS B 131 -1.08 13.88 -23.58
CA LYS B 131 -0.71 15.05 -24.38
C LYS B 131 -1.55 16.27 -24.01
N LYS B 132 -2.74 16.07 -23.46
CA LYS B 132 -3.61 17.19 -23.15
C LYS B 132 -3.24 17.85 -21.82
N TYR B 133 -2.86 17.04 -20.82
CA TYR B 133 -2.65 17.54 -19.47
C TYR B 133 -1.24 17.33 -18.94
N ARG B 134 -0.42 16.53 -19.61
CA ARG B 134 0.99 16.33 -19.25
C ARG B 134 1.14 15.90 -17.80
N ILE B 135 0.43 14.83 -17.43
CA ILE B 135 0.52 14.32 -16.08
C ILE B 135 1.80 13.52 -15.85
N THR B 136 2.45 13.05 -16.91
CA THR B 136 3.71 12.33 -16.75
C THR B 136 4.89 13.26 -16.53
N LYS B 137 4.73 14.56 -16.81
CA LYS B 137 5.78 15.55 -16.61
C LYS B 137 5.96 15.95 -15.15
N ARG B 138 5.00 15.62 -14.28
CA ARG B 138 5.05 16.08 -12.90
C ARG B 138 6.00 15.21 -12.09
N LEU B 139 7.00 15.84 -11.48
CA LEU B 139 8.05 15.12 -10.76
C LEU B 139 7.61 14.69 -9.37
N TYR B 140 6.65 15.39 -8.77
CA TYR B 140 6.33 15.19 -7.37
C TYR B 140 4.90 14.76 -7.12
N ALA B 141 4.04 14.76 -8.14
CA ALA B 141 2.64 14.36 -7.99
C ALA B 141 2.31 13.23 -8.95
N PRO B 142 2.20 12.00 -8.46
CA PRO B 142 1.83 10.88 -9.36
C PRO B 142 0.37 10.95 -9.75
N PRO B 143 -0.06 10.15 -10.73
CA PRO B 143 -1.47 10.16 -11.14
C PRO B 143 -2.39 9.83 -9.97
N THR B 144 -3.55 10.47 -9.96
CA THR B 144 -4.48 10.40 -8.85
C THR B 144 -5.68 9.51 -9.18
N PHE B 145 -6.57 9.38 -8.20
CA PHE B 145 -7.82 8.65 -8.41
C PHE B 145 -8.67 9.36 -9.46
N ASN B 146 -8.71 10.69 -9.41
CA ASN B 146 -9.52 11.45 -10.36
C ASN B 146 -9.01 11.26 -11.79
N GLU B 147 -7.70 11.35 -11.98
CA GLU B 147 -7.13 11.26 -13.32
C GLU B 147 -7.34 9.89 -13.93
N VAL B 148 -7.15 8.82 -13.14
CA VAL B 148 -7.39 7.47 -13.64
C VAL B 148 -8.85 7.28 -14.00
N ARG B 149 -9.77 7.90 -13.24
CA ARG B 149 -11.17 7.87 -13.61
C ARG B 149 -11.39 8.55 -14.97
N HIS B 150 -10.70 9.67 -15.20
CA HIS B 150 -10.80 10.34 -16.50
C HIS B 150 -10.26 9.45 -17.60
N ILE B 151 -9.19 8.69 -17.31
CA ILE B 151 -8.58 7.83 -18.31
C ILE B 151 -9.57 6.75 -18.74
N LEU B 152 -10.19 6.07 -17.76
CA LEU B 152 -11.12 5.00 -18.07
C LEU B 152 -12.37 5.54 -18.76
N ASN B 153 -12.77 6.77 -18.44
CA ASN B 153 -13.87 7.40 -19.17
C ASN B 153 -13.52 7.55 -20.65
N LEU B 154 -12.36 8.10 -20.94
CA LEU B 154 -11.93 8.25 -22.33
C LEU B 154 -11.75 6.88 -22.99
N ALA B 155 -11.28 5.90 -22.24
CA ALA B 155 -11.10 4.56 -22.80
C ALA B 155 -12.43 3.92 -23.17
N GLN B 156 -13.45 4.13 -22.33
CA GLN B 156 -14.76 3.55 -22.61
C GLN B 156 -15.41 4.23 -23.82
N ILE B 157 -15.19 5.54 -23.98
CA ILE B 157 -15.70 6.24 -25.16
C ILE B 157 -15.01 5.73 -26.41
N LEU B 158 -13.68 5.62 -26.37
CA LEU B 158 -12.93 5.14 -27.54
C LEU B 158 -13.26 3.69 -27.87
N SER B 159 -13.72 2.91 -26.89
CA SER B 159 -14.03 1.51 -27.13
C SER B 159 -15.20 1.36 -28.09
N LEU B 160 -16.09 2.35 -28.12
CA LEU B 160 -17.31 2.29 -28.94
C LEU B 160 -17.00 2.80 -30.35
N GLU B 161 -16.15 2.04 -31.05
CA GLU B 161 -15.79 2.39 -32.41
C GLU B 161 -16.97 2.21 -33.35
N GLU B 162 -17.69 1.08 -33.24
CA GLU B 162 -18.85 0.84 -34.07
C GLU B 162 -19.93 1.89 -33.83
N GLY B 163 -20.18 2.22 -32.57
CA GLY B 163 -21.15 3.22 -32.19
C GLY B 163 -22.15 2.70 -31.17
N LEU B 164 -22.88 3.64 -30.59
CA LEU B 164 -23.98 3.33 -29.68
C LEU B 164 -25.23 4.07 -30.11
N ASP B 165 -26.38 3.57 -29.64
CA ASP B 165 -27.67 4.13 -29.96
C ASP B 165 -28.44 4.65 -28.76
N LEU B 166 -28.06 4.28 -27.55
CA LEU B 166 -28.74 4.71 -26.34
C LEU B 166 -27.73 5.37 -25.40
N LEU B 167 -28.01 6.61 -25.02
CA LEU B 167 -27.22 7.32 -24.01
C LEU B 167 -28.16 7.75 -22.89
N THR B 168 -27.85 7.32 -21.67
CA THR B 168 -28.72 7.59 -20.53
C THR B 168 -27.98 8.42 -19.49
N PHE B 169 -28.71 9.33 -18.85
CA PHE B 169 -28.15 10.23 -17.85
C PHE B 169 -28.88 10.03 -16.53
N ASP B 170 -28.13 9.82 -15.46
CA ASP B 170 -28.72 9.89 -14.13
C ASP B 170 -28.97 11.36 -13.80
N ALA B 171 -30.17 11.84 -14.10
CA ALA B 171 -30.43 13.27 -14.10
C ALA B 171 -30.17 13.91 -12.73
N ASP B 172 -30.38 13.15 -11.65
CA ASP B 172 -30.16 13.70 -10.32
C ASP B 172 -28.71 14.08 -10.09
N GLU B 173 -27.79 13.39 -10.77
CA GLU B 173 -26.36 13.50 -10.47
C GLU B 173 -25.63 14.45 -11.42
N THR B 174 -25.94 14.42 -12.72
CA THR B 174 -25.17 15.15 -13.72
C THR B 174 -25.90 16.34 -14.31
N LEU B 175 -27.12 16.17 -14.80
CA LEU B 175 -27.79 17.23 -15.54
C LEU B 175 -28.20 18.38 -14.63
N TYR B 176 -29.18 18.15 -13.77
CA TYR B 176 -29.47 19.35 -12.98
C TYR B 176 -28.83 19.25 -11.60
N PRO B 177 -28.25 20.36 -11.12
CA PRO B 177 -27.77 20.39 -9.73
C PRO B 177 -28.95 20.31 -8.76
N ASP B 178 -28.82 19.43 -7.76
CA ASP B 178 -29.95 19.10 -6.88
C ASP B 178 -30.57 20.35 -6.29
N GLY B 179 -31.90 20.40 -6.33
CA GLY B 179 -32.65 21.54 -5.83
C GLY B 179 -33.02 22.58 -6.86
N HIS B 180 -32.58 22.42 -8.11
CA HIS B 180 -32.86 23.37 -9.17
C HIS B 180 -33.20 22.61 -10.45
N ASP B 181 -33.67 23.35 -11.45
CA ASP B 181 -34.02 22.77 -12.73
C ASP B 181 -32.81 22.78 -13.66
N PHE B 182 -33.00 22.26 -14.87
CA PHE B 182 -31.96 22.32 -15.89
C PHE B 182 -31.61 23.78 -16.18
N ASN B 183 -30.32 24.09 -16.06
CA ASN B 183 -29.87 25.47 -16.22
C ASN B 183 -28.45 25.49 -16.79
N ASP B 184 -28.27 24.88 -17.95
CA ASP B 184 -26.97 24.85 -18.62
C ASP B 184 -27.24 24.94 -20.13
N GLU B 185 -27.05 26.14 -20.68
CA GLU B 185 -27.32 26.35 -22.10
C GLU B 185 -26.33 25.58 -22.98
N VAL B 186 -25.06 25.51 -22.56
CA VAL B 186 -24.06 24.83 -23.37
C VAL B 186 -24.29 23.32 -23.33
N LEU B 187 -24.63 22.79 -22.16
CA LEU B 187 -24.88 21.35 -22.04
C LEU B 187 -26.10 20.94 -22.86
N ALA B 188 -27.12 21.80 -22.93
CA ALA B 188 -28.27 21.53 -23.78
C ALA B 188 -27.88 21.43 -25.24
N SER B 189 -26.85 22.16 -25.65
CA SER B 189 -26.40 22.11 -27.04
C SER B 189 -25.73 20.78 -27.36
N TYR B 190 -24.96 20.24 -26.42
CA TYR B 190 -24.29 18.97 -26.65
C TYR B 190 -25.31 17.83 -26.74
N ILE B 191 -26.26 17.79 -25.81
CA ILE B 191 -27.35 16.83 -25.89
C ILE B 191 -28.13 17.01 -27.17
N SER B 192 -28.22 18.25 -27.66
CA SER B 192 -29.01 18.54 -28.86
C SER B 192 -28.46 17.81 -30.07
N CYS B 193 -27.18 18.05 -30.41
CA CYS B 193 -26.60 17.44 -31.59
C CYS B 193 -26.46 15.93 -31.45
N LEU B 194 -26.29 15.44 -30.22
CA LEU B 194 -26.20 14.00 -30.00
C LEU B 194 -27.56 13.32 -30.13
N LEU B 195 -28.63 14.06 -29.84
CA LEU B 195 -29.97 13.48 -29.92
C LEU B 195 -30.29 13.02 -31.34
N LYS B 196 -29.79 13.74 -32.34
CA LYS B 196 -30.07 13.37 -33.73
C LYS B 196 -29.57 11.97 -34.05
N LYS B 197 -28.37 11.63 -33.59
CA LYS B 197 -27.72 10.39 -34.00
C LYS B 197 -28.14 9.19 -33.16
N MET B 198 -28.65 9.40 -31.95
CA MET B 198 -28.91 8.29 -31.05
C MET B 198 -30.05 8.64 -30.11
N ASN B 199 -30.66 7.60 -29.55
CA ASN B 199 -31.68 7.79 -28.53
C ASN B 199 -31.03 8.24 -27.23
N ILE B 200 -31.60 9.25 -26.60
CA ILE B 200 -31.13 9.74 -25.30
C ILE B 200 -32.24 9.55 -24.30
N ALA B 201 -31.96 8.82 -23.23
CA ALA B 201 -32.92 8.57 -22.17
C ALA B 201 -32.45 9.24 -20.89
N ILE B 202 -33.42 9.66 -20.08
CA ILE B 202 -33.13 10.31 -18.80
C ILE B 202 -33.81 9.50 -17.70
N VAL B 203 -33.01 9.00 -16.77
CA VAL B 203 -33.51 8.29 -15.60
C VAL B 203 -33.44 9.25 -14.41
N THR B 204 -34.60 9.56 -13.83
CA THR B 204 -34.68 10.46 -12.69
C THR B 204 -35.43 9.76 -11.57
N ALA B 205 -34.98 10.00 -10.33
CA ALA B 205 -35.55 9.35 -9.17
C ALA B 205 -36.80 10.04 -8.63
N ALA B 206 -37.16 11.21 -9.16
CA ALA B 206 -38.34 11.91 -8.70
C ALA B 206 -39.60 11.08 -8.98
N SER B 207 -40.51 11.07 -8.02
CA SER B 207 -41.76 10.31 -8.11
C SER B 207 -42.92 11.29 -8.15
N TYR B 208 -43.39 11.58 -9.37
CA TYR B 208 -44.53 12.47 -9.59
C TYR B 208 -45.66 11.72 -10.27
N ASN B 209 -45.75 10.40 -10.04
CA ASN B 209 -46.63 9.54 -10.81
C ASN B 209 -46.37 9.72 -12.30
N ASN B 210 -47.43 9.67 -13.11
CA ASN B 210 -47.31 9.83 -14.56
C ASN B 210 -47.74 11.22 -15.02
N ASP B 211 -47.50 12.24 -14.21
CA ASP B 211 -47.84 13.62 -14.56
C ASP B 211 -46.63 14.25 -15.26
N ALA B 212 -46.78 14.49 -16.57
CA ALA B 212 -45.64 14.96 -17.35
C ALA B 212 -45.31 16.43 -17.10
N GLU B 213 -46.27 17.21 -16.58
CA GLU B 213 -46.03 18.63 -16.34
C GLU B 213 -44.98 18.84 -15.25
N LYS B 214 -45.04 18.05 -14.17
CA LYS B 214 -44.07 18.18 -13.09
C LYS B 214 -42.66 17.84 -13.56
N TYR B 215 -42.53 16.82 -14.40
CA TYR B 215 -41.22 16.45 -14.93
C TYR B 215 -40.70 17.49 -15.92
N GLN B 216 -41.60 18.15 -16.65
CA GLN B 216 -41.17 19.17 -17.60
C GLN B 216 -40.65 20.41 -16.89
N LYS B 217 -41.13 20.69 -15.68
CA LYS B 217 -40.67 21.86 -14.93
C LYS B 217 -39.18 21.80 -14.65
N ARG B 218 -38.63 20.60 -14.46
CA ARG B 218 -37.20 20.48 -14.20
C ARG B 218 -36.38 20.54 -15.48
N LEU B 219 -36.94 20.10 -16.61
CA LEU B 219 -36.22 20.02 -17.87
C LEU B 219 -36.74 21.03 -18.90
N GLU B 220 -37.28 22.15 -18.42
CA GLU B 220 -37.92 23.10 -19.34
C GLU B 220 -36.90 23.75 -20.27
N ASN B 221 -35.74 24.14 -19.73
CA ASN B 221 -34.73 24.81 -20.56
C ASN B 221 -34.25 23.89 -21.67
N LEU B 222 -34.02 22.61 -21.37
CA LEU B 222 -33.54 21.69 -22.39
C LEU B 222 -34.63 21.40 -23.42
N LEU B 223 -35.89 21.29 -22.99
CA LEU B 223 -36.98 21.09 -23.94
C LEU B 223 -37.17 22.30 -24.84
N LYS B 224 -36.97 23.50 -24.30
CA LYS B 224 -37.02 24.70 -25.15
C LYS B 224 -35.91 24.67 -26.20
N TYR B 225 -34.71 24.24 -25.80
CA TYR B 225 -33.63 24.06 -26.76
C TYR B 225 -34.00 23.01 -27.81
N PHE B 226 -34.67 21.94 -27.39
CA PHE B 226 -35.13 20.93 -28.35
C PHE B 226 -36.07 21.56 -29.38
N SER B 227 -37.04 22.35 -28.91
CA SER B 227 -38.04 22.91 -29.81
C SER B 227 -37.43 23.85 -30.83
N LYS B 228 -36.36 24.56 -30.46
CA LYS B 228 -35.80 25.57 -31.35
C LYS B 228 -34.93 24.96 -32.44
N HIS B 229 -34.14 23.93 -32.11
CA HIS B 229 -33.10 23.44 -33.02
C HIS B 229 -33.21 21.96 -33.39
N ASN B 230 -33.75 21.12 -32.50
CA ASN B 230 -33.73 19.68 -32.72
C ASN B 230 -34.94 19.18 -33.49
N ILE B 231 -36.14 19.61 -33.10
CA ILE B 231 -37.38 18.98 -33.52
C ILE B 231 -37.64 19.19 -35.01
N LYS B 232 -36.76 19.93 -35.69
CA LYS B 232 -37.01 20.29 -37.07
C LYS B 232 -37.02 19.05 -37.98
N ASP B 233 -36.08 18.14 -37.78
CA ASP B 233 -35.87 17.01 -38.68
C ASP B 233 -36.15 15.67 -38.01
N GLY B 234 -37.27 15.56 -37.31
CA GLY B 234 -37.68 14.29 -36.75
C GLY B 234 -36.78 13.70 -35.69
N SER B 235 -35.76 14.44 -35.24
CA SER B 235 -34.90 13.94 -34.17
C SER B 235 -35.66 13.79 -32.86
N TYR B 236 -36.64 14.67 -32.60
CA TYR B 236 -37.34 14.71 -31.33
C TYR B 236 -37.93 13.38 -30.91
N LYS B 237 -38.15 12.46 -31.86
CA LYS B 237 -38.76 11.18 -31.51
C LYS B 237 -37.85 10.35 -30.61
N ASN B 238 -36.54 10.59 -30.65
CA ASN B 238 -35.59 9.73 -29.95
C ASN B 238 -35.57 9.99 -28.44
N PHE B 239 -36.07 11.13 -27.98
CA PHE B 239 -35.92 11.51 -26.59
C PHE B 239 -36.90 10.76 -25.71
N TYR B 240 -36.40 10.20 -24.60
CA TYR B 240 -37.20 9.47 -23.64
C TYR B 240 -36.81 9.87 -22.23
N VAL B 241 -37.78 9.84 -21.33
CA VAL B 241 -37.58 10.14 -19.91
C VAL B 241 -38.24 9.04 -19.09
N MET B 242 -37.57 8.63 -18.01
CA MET B 242 -38.07 7.59 -17.12
C MET B 242 -38.21 8.15 -15.72
N GLY B 243 -39.45 8.20 -15.22
CA GLY B 243 -39.73 8.67 -13.88
C GLY B 243 -39.74 7.56 -12.85
N GLY B 244 -39.89 7.97 -11.60
CA GLY B 244 -39.79 7.02 -10.49
C GLY B 244 -38.43 6.37 -10.50
N GLU B 245 -38.41 5.06 -10.64
CA GLU B 245 -37.20 4.30 -10.95
C GLU B 245 -37.38 3.47 -12.21
N SER B 246 -38.48 2.72 -12.28
CA SER B 246 -38.87 2.01 -13.50
C SER B 246 -40.40 1.98 -13.64
N ASN B 247 -41.08 3.00 -13.13
CA ASN B 247 -42.53 2.97 -12.99
C ASN B 247 -43.27 3.81 -14.01
N TYR B 248 -42.70 4.94 -14.41
CA TYR B 248 -43.34 5.83 -15.37
C TYR B 248 -42.36 6.16 -16.48
N LEU B 249 -42.87 6.18 -17.72
CA LEU B 249 -42.07 6.44 -18.90
C LEU B 249 -42.71 7.56 -19.70
N PHE B 250 -41.88 8.44 -20.24
CA PHE B 250 -42.34 9.60 -21.00
C PHE B 250 -41.54 9.71 -22.29
N LYS B 251 -42.22 10.17 -23.34
CA LYS B 251 -41.61 10.39 -24.65
C LYS B 251 -41.86 11.83 -25.07
N CYS B 252 -41.30 12.20 -26.21
CA CYS B 252 -41.42 13.56 -26.72
C CYS B 252 -42.30 13.56 -27.97
N ASN B 253 -43.02 14.66 -28.15
CA ASN B 253 -43.95 14.84 -29.26
C ASN B 253 -43.45 15.95 -30.18
N GLU B 254 -44.25 16.25 -31.21
CA GLU B 254 -43.87 17.28 -32.17
C GLU B 254 -43.86 18.66 -31.53
N GLU B 255 -44.80 18.93 -30.63
CA GLU B 255 -44.91 20.23 -29.97
C GLU B 255 -43.89 20.42 -28.84
N ALA B 256 -42.93 19.51 -28.71
CA ALA B 256 -41.85 19.61 -27.70
C ALA B 256 -42.44 19.71 -26.28
N THR B 257 -43.32 18.77 -25.97
CA THR B 257 -43.92 18.67 -24.65
C THR B 257 -43.95 17.21 -24.23
N LEU B 258 -43.57 16.94 -22.99
CA LEU B 258 -43.51 15.57 -22.50
C LEU B 258 -44.91 14.97 -22.39
N TYR B 259 -45.03 13.69 -22.75
CA TYR B 259 -46.29 12.96 -22.62
C TYR B 259 -45.98 11.56 -22.13
N SER B 260 -46.82 11.06 -21.22
CA SER B 260 -46.62 9.72 -20.68
C SER B 260 -46.97 8.68 -21.73
N VAL B 261 -46.08 7.70 -21.91
CA VAL B 261 -46.32 6.58 -22.81
C VAL B 261 -47.33 5.67 -22.13
N PRO B 262 -48.21 4.98 -22.87
CA PRO B 262 -49.15 4.07 -22.21
C PRO B 262 -48.42 2.95 -21.47
N GLU B 263 -48.91 2.64 -20.27
CA GLU B 263 -48.23 1.68 -19.42
C GLU B 263 -48.25 0.28 -20.02
N ASN B 264 -49.28 -0.05 -20.81
CA ASN B 264 -49.38 -1.40 -21.36
C ASN B 264 -48.33 -1.66 -22.43
N GLU B 265 -47.81 -0.60 -23.06
CA GLU B 265 -46.86 -0.79 -24.14
C GLU B 265 -45.53 -1.34 -23.64
N TRP B 266 -45.11 -0.93 -22.44
CA TRP B 266 -43.82 -1.33 -21.88
C TRP B 266 -43.95 -2.14 -20.60
N ARG B 267 -45.17 -2.51 -20.22
CA ARG B 267 -45.35 -3.28 -18.98
C ARG B 267 -44.76 -4.68 -19.08
N HIS B 268 -44.80 -5.28 -20.28
CA HIS B 268 -44.37 -6.66 -20.43
C HIS B 268 -42.87 -6.82 -20.27
N TYR B 269 -42.09 -5.80 -20.63
CA TYR B 269 -40.63 -5.92 -20.56
C TYR B 269 -40.15 -6.02 -19.12
N LYS B 270 -40.75 -5.26 -18.21
CA LYS B 270 -40.33 -5.28 -16.81
C LYS B 270 -40.95 -6.47 -16.09
N LYS B 271 -40.17 -7.06 -15.17
CA LYS B 271 -40.69 -8.12 -14.33
C LYS B 271 -41.73 -7.56 -13.38
N PHE B 272 -42.86 -8.25 -13.27
CA PHE B 272 -43.98 -7.75 -12.47
C PHE B 272 -43.65 -7.80 -10.99
N VAL B 273 -44.10 -6.78 -10.26
CA VAL B 273 -43.99 -6.71 -8.82
C VAL B 273 -45.40 -6.59 -8.27
N ASP B 274 -45.77 -7.52 -7.39
CA ASP B 274 -47.13 -7.56 -6.86
C ASP B 274 -47.44 -6.28 -6.09
N TYR B 275 -48.66 -5.78 -6.27
CA TYR B 275 -49.11 -4.62 -5.50
C TYR B 275 -49.13 -4.92 -4.01
N ASP B 276 -49.37 -6.18 -3.64
CA ASP B 276 -49.32 -6.54 -2.22
C ASP B 276 -47.88 -6.48 -1.70
N THR B 277 -46.91 -6.83 -2.55
CA THR B 277 -45.52 -6.86 -2.11
C THR B 277 -44.97 -5.44 -1.92
N VAL B 278 -45.25 -4.54 -2.86
CA VAL B 278 -44.76 -3.17 -2.72
C VAL B 278 -45.38 -2.49 -1.51
N GLN B 279 -46.68 -2.70 -1.29
CA GLN B 279 -47.33 -2.15 -0.10
C GLN B 279 -46.72 -2.73 1.17
N GLU B 280 -46.31 -4.01 1.12
CA GLU B 280 -45.58 -4.58 2.24
C GLU B 280 -44.26 -3.85 2.47
N ILE B 281 -43.56 -3.52 1.38
CA ILE B 281 -42.28 -2.83 1.49
C ILE B 281 -42.47 -1.45 2.12
N LEU B 282 -43.48 -0.70 1.65
CA LEU B 282 -43.69 0.65 2.14
C LEU B 282 -44.12 0.64 3.61
N ASN B 283 -44.90 -0.36 4.02
CA ASN B 283 -45.30 -0.45 5.42
C ASN B 283 -44.12 -0.78 6.32
N ILE B 284 -43.23 -1.66 5.88
CA ILE B 284 -42.01 -1.94 6.62
C ILE B 284 -41.18 -0.67 6.76
N SER B 285 -41.00 0.05 5.65
CA SER B 285 -40.20 1.27 5.67
C SER B 285 -40.84 2.33 6.57
N GLU B 286 -42.17 2.40 6.57
CA GLU B 286 -42.86 3.36 7.43
C GLU B 286 -42.63 3.04 8.90
N LYS B 287 -42.64 1.75 9.26
CA LYS B 287 -42.42 1.37 10.65
C LYS B 287 -40.99 1.66 11.08
N CYS B 288 -40.01 1.41 10.20
CA CYS B 288 -38.63 1.70 10.53
C CYS B 288 -38.38 3.19 10.69
N LEU B 289 -38.88 4.00 9.75
CA LEU B 289 -38.69 5.44 9.81
C LEU B 289 -39.34 6.02 11.06
N GLU B 290 -40.50 5.51 11.45
CA GLU B 290 -41.15 5.96 12.68
C GLU B 290 -40.30 5.64 13.89
N LYS B 291 -39.71 4.44 13.93
CA LYS B 291 -38.84 4.08 15.04
C LYS B 291 -37.58 4.95 15.06
N VAL B 292 -37.08 5.31 13.87
CA VAL B 292 -35.87 6.13 13.80
C VAL B 292 -36.16 7.56 14.24
N ILE B 293 -37.35 8.07 13.90
CA ILE B 293 -37.71 9.41 14.35
C ILE B 293 -37.91 9.41 15.86
N LYS B 294 -38.37 8.30 16.43
CA LYS B 294 -38.72 8.28 17.85
C LYS B 294 -37.48 8.33 18.74
N ASP B 295 -36.46 7.52 18.42
CA ASP B 295 -35.30 7.41 19.31
C ASP B 295 -34.28 8.52 19.08
N PHE B 296 -34.28 9.14 17.91
CA PHE B 296 -33.42 10.31 17.65
C PHE B 296 -34.14 11.63 17.89
N GLY B 297 -35.44 11.60 18.20
CA GLY B 297 -36.18 12.82 18.46
C GLY B 297 -36.19 13.78 17.28
N LEU B 298 -36.26 13.23 16.07
CA LEU B 298 -36.16 14.05 14.87
C LEU B 298 -37.46 14.83 14.62
N CYS B 299 -37.33 15.92 13.88
CA CYS B 299 -38.46 16.74 13.44
C CYS B 299 -38.63 16.49 11.94
N ALA B 300 -39.11 15.30 11.60
CA ALA B 300 -39.35 14.93 10.22
C ALA B 300 -40.64 14.14 10.15
N GLN B 301 -41.09 13.86 8.92
CA GLN B 301 -42.33 13.13 8.73
C GLN B 301 -42.19 12.19 7.53
N ILE B 302 -43.02 11.17 7.53
CA ILE B 302 -42.99 10.14 6.48
C ILE B 302 -44.00 10.52 5.41
N GLN B 303 -43.55 10.54 4.16
CA GLN B 303 -44.39 10.88 3.01
C GLN B 303 -44.50 9.68 2.10
N ARG B 304 -45.73 9.27 1.81
CA ARG B 304 -46.01 8.06 1.03
C ARG B 304 -46.58 8.44 -0.33
N LYS B 305 -45.97 7.91 -1.38
CA LYS B 305 -46.45 8.07 -2.74
C LYS B 305 -47.08 6.75 -3.21
N GLU B 306 -47.38 6.67 -4.50
CA GLU B 306 -47.94 5.43 -5.06
C GLU B 306 -47.02 4.25 -4.80
N LYS B 307 -45.77 4.37 -5.27
CA LYS B 307 -44.78 3.31 -5.11
C LYS B 307 -43.51 3.86 -4.49
N SER B 308 -43.63 4.92 -3.69
CA SER B 308 -42.50 5.57 -3.05
C SER B 308 -42.87 5.95 -1.63
N ILE B 309 -41.88 5.93 -0.74
CA ILE B 309 -42.05 6.38 0.63
C ILE B 309 -40.73 7.01 1.07
N GLY B 310 -40.83 8.11 1.80
CA GLY B 310 -39.62 8.81 2.20
C GLY B 310 -39.80 9.52 3.53
N LEU B 311 -38.67 9.87 4.13
CA LEU B 311 -38.61 10.68 5.33
C LEU B 311 -38.15 12.08 4.96
N VAL B 312 -39.01 13.07 5.17
CA VAL B 312 -38.76 14.43 4.74
C VAL B 312 -38.68 15.33 5.96
N PRO B 313 -37.70 16.24 6.05
CA PRO B 313 -37.58 17.09 7.23
C PRO B 313 -38.66 18.17 7.26
N ASN B 314 -39.06 18.53 8.48
CA ASN B 314 -40.05 19.57 8.71
C ASN B 314 -39.37 20.92 8.88
N LYS B 315 -39.94 21.94 8.25
CA LYS B 315 -39.41 23.29 8.38
C LYS B 315 -39.68 23.83 9.79
N ILE B 316 -38.66 24.44 10.39
CA ILE B 316 -38.78 25.04 11.71
C ILE B 316 -38.11 26.39 11.72
N PRO B 317 -38.63 27.33 12.52
CA PRO B 317 -37.95 28.62 12.70
C PRO B 317 -36.55 28.41 13.28
N SER B 318 -35.55 29.06 12.67
CA SER B 318 -34.16 28.80 13.01
C SER B 318 -33.43 30.05 13.52
N LEU B 319 -32.12 30.12 13.28
CA LEU B 319 -31.30 31.18 13.84
C LEU B 319 -31.61 32.56 13.26
N ASN B 320 -32.28 32.63 12.11
CA ASN B 320 -32.69 33.93 11.58
C ASN B 320 -33.70 34.56 12.53
N ILE B 321 -33.44 35.81 12.93
CA ILE B 321 -34.23 36.42 13.99
C ILE B 321 -35.69 36.58 13.56
N LYS B 322 -36.58 36.51 14.55
CA LYS B 322 -38.01 36.79 14.38
C LYS B 322 -38.72 35.82 13.45
N ASN B 323 -38.61 36.05 12.13
CA ASN B 323 -39.57 35.50 11.15
C ASN B 323 -38.84 34.94 9.92
N GLU B 324 -38.39 33.69 10.03
CA GLU B 324 -37.92 32.92 8.87
C GLU B 324 -37.90 31.45 9.24
N GLN B 325 -37.76 30.59 8.21
CA GLN B 325 -37.77 29.15 8.38
C GLN B 325 -36.54 28.54 7.72
N LYS B 326 -36.22 27.32 8.16
CA LYS B 326 -35.18 26.51 7.53
C LYS B 326 -35.54 25.05 7.74
N ASN B 327 -35.33 24.24 6.70
CA ASN B 327 -35.58 22.81 6.82
C ASN B 327 -34.73 22.22 7.94
N TYR B 328 -35.36 21.42 8.81
CA TYR B 328 -34.66 20.81 9.92
C TYR B 328 -33.52 19.95 9.41
N MET B 329 -32.30 20.25 9.85
CA MET B 329 -31.13 19.49 9.43
C MET B 329 -31.11 18.13 10.13
N ILE B 330 -31.07 17.06 9.35
CA ILE B 330 -30.95 15.71 9.87
C ILE B 330 -29.51 15.26 9.65
N LYS B 331 -28.88 14.76 10.70
CA LYS B 331 -27.48 14.33 10.62
C LYS B 331 -27.33 13.25 9.55
N TYR B 332 -26.31 13.42 8.70
CA TYR B 332 -26.04 12.44 7.66
C TYR B 332 -25.81 11.05 8.24
N GLU B 333 -25.25 10.98 9.45
CA GLU B 333 -25.02 9.67 10.08
C GLU B 333 -26.33 8.99 10.44
N VAL B 334 -27.34 9.76 10.84
CA VAL B 334 -28.64 9.18 11.16
C VAL B 334 -29.29 8.64 9.90
N LEU B 335 -29.10 9.31 8.77
CA LEU B 335 -29.70 8.86 7.51
C LEU B 335 -29.07 7.54 7.05
N GLU B 336 -27.76 7.40 7.20
CA GLU B 336 -27.11 6.14 6.85
C GLU B 336 -27.54 5.01 7.77
N GLU B 337 -27.68 5.31 9.08
CA GLU B 337 -28.18 4.30 10.01
C GLU B 337 -29.57 3.84 9.62
N ALA B 338 -30.41 4.76 9.14
CA ALA B 338 -31.77 4.39 8.74
C ALA B 338 -31.76 3.53 7.48
N VAL B 339 -30.90 3.86 6.52
CA VAL B 339 -30.81 3.09 5.28
C VAL B 339 -30.42 1.65 5.60
N ILE B 340 -29.51 1.46 6.56
CA ILE B 340 -29.08 0.10 6.91
C ILE B 340 -30.19 -0.64 7.62
N ARG B 341 -30.92 0.04 8.50
CA ARG B 341 -32.05 -0.59 9.19
C ARG B 341 -33.12 -1.02 8.21
N ILE B 342 -33.41 -0.18 7.20
CA ILE B 342 -34.45 -0.50 6.24
C ILE B 342 -34.04 -1.71 5.39
N LYS B 343 -32.80 -1.73 4.92
CA LYS B 343 -32.32 -2.88 4.15
C LYS B 343 -32.28 -4.13 5.02
N LYS B 344 -31.95 -3.98 6.31
CA LYS B 344 -31.92 -5.14 7.19
C LYS B 344 -33.31 -5.74 7.39
N GLU B 345 -34.32 -4.88 7.58
CA GLU B 345 -35.68 -5.38 7.78
C GLU B 345 -36.26 -5.95 6.50
N ILE B 346 -35.97 -5.34 5.36
CA ILE B 346 -36.51 -5.83 4.10
C ILE B 346 -35.93 -7.21 3.77
N ILE B 347 -34.63 -7.39 4.03
CA ILE B 347 -34.00 -8.69 3.82
C ILE B 347 -34.57 -9.73 4.79
N LYS B 348 -34.88 -9.31 6.02
CA LYS B 348 -35.46 -10.23 6.99
C LYS B 348 -36.79 -10.80 6.51
N ASN B 349 -37.58 -10.02 5.78
CA ASN B 349 -38.87 -10.46 5.28
C ASN B 349 -38.78 -11.14 3.92
N LYS B 350 -37.58 -11.40 3.43
CA LYS B 350 -37.33 -12.17 2.20
C LYS B 350 -38.10 -11.58 1.02
N ILE B 351 -37.69 -10.37 0.64
CA ILE B 351 -38.26 -9.65 -0.50
C ILE B 351 -37.31 -9.78 -1.68
N THR B 352 -37.80 -10.38 -2.77
CA THR B 352 -37.02 -10.53 -3.99
C THR B 352 -37.21 -9.36 -4.94
N ALA B 353 -38.32 -8.64 -4.83
CA ALA B 353 -38.60 -7.53 -5.72
C ALA B 353 -37.48 -6.49 -5.66
N PRO B 354 -37.05 -5.96 -6.81
CA PRO B 354 -35.98 -4.96 -6.80
C PRO B 354 -36.46 -3.64 -6.21
N TYR B 355 -35.58 -2.99 -5.45
CA TYR B 355 -35.89 -1.72 -4.81
C TYR B 355 -34.60 -0.97 -4.57
N CYS B 356 -34.73 0.31 -4.23
CA CYS B 356 -33.58 1.17 -3.99
C CYS B 356 -33.89 2.11 -2.83
N ALA B 357 -33.06 2.06 -1.80
CA ALA B 357 -33.15 2.96 -0.66
C ALA B 357 -31.89 3.82 -0.64
N PHE B 358 -32.04 5.11 -0.92
CA PHE B 358 -30.91 5.99 -1.10
C PHE B 358 -31.05 7.24 -0.24
N ASN B 359 -29.91 7.90 -0.01
CA ASN B 359 -29.85 9.12 0.78
C ASN B 359 -30.14 10.32 -0.11
N GLY B 360 -29.14 10.75 -0.88
CA GLY B 360 -29.32 11.78 -1.89
C GLY B 360 -29.74 13.14 -1.38
N GLY B 361 -28.98 13.70 -0.43
CA GLY B 361 -29.26 15.04 0.06
C GLY B 361 -29.59 15.10 1.53
N GLN B 362 -30.74 15.68 1.86
CA GLN B 362 -31.15 15.87 3.24
C GLN B 362 -32.37 15.03 3.63
N ASP B 363 -33.09 14.48 2.66
CA ASP B 363 -34.22 13.61 2.93
C ASP B 363 -33.91 12.19 2.44
N LEU B 364 -34.53 11.20 3.07
CA LEU B 364 -34.34 9.80 2.73
C LEU B 364 -35.55 9.31 1.95
N TRP B 365 -35.31 8.49 0.93
CA TRP B 365 -36.38 7.98 0.09
C TRP B 365 -36.16 6.50 -0.21
N VAL B 366 -37.24 5.73 -0.15
CA VAL B 366 -37.26 4.31 -0.47
C VAL B 366 -38.23 4.12 -1.62
N ASP B 367 -37.71 3.70 -2.76
CA ASP B 367 -38.52 3.44 -3.95
C ASP B 367 -38.42 1.98 -4.33
N VAL B 368 -39.46 1.47 -4.99
CA VAL B 368 -39.44 0.12 -5.54
C VAL B 368 -38.89 0.18 -6.96
N GLY B 369 -38.02 -0.77 -7.30
CA GLY B 369 -37.25 -0.71 -8.52
C GLY B 369 -36.00 0.15 -8.37
N ASN B 370 -35.04 -0.10 -9.24
CA ASN B 370 -33.78 0.63 -9.24
C ASN B 370 -33.53 1.22 -10.62
N LYS B 371 -32.60 2.18 -10.68
CA LYS B 371 -32.25 2.78 -11.97
C LYS B 371 -31.68 1.76 -12.94
N ALA B 372 -31.11 0.66 -12.43
CA ALA B 372 -30.66 -0.41 -13.29
C ALA B 372 -31.83 -1.06 -14.03
N GLU B 373 -32.97 -1.19 -13.35
CA GLU B 373 -34.15 -1.78 -13.99
C GLU B 373 -34.66 -0.89 -15.12
N GLY B 374 -34.67 0.43 -14.91
CA GLY B 374 -35.05 1.34 -15.97
C GLY B 374 -34.06 1.33 -17.13
N LEU B 375 -32.78 1.15 -16.81
CA LEU B 375 -31.76 1.03 -17.86
C LEU B 375 -32.00 -0.21 -18.71
N LEU B 376 -32.23 -1.36 -18.07
CA LEU B 376 -32.49 -2.58 -18.80
C LEU B 376 -33.83 -2.53 -19.51
N ILE B 377 -34.81 -1.84 -18.94
CA ILE B 377 -36.10 -1.66 -19.62
C ILE B 377 -35.90 -0.95 -20.94
N LEU B 378 -35.19 0.18 -20.92
CA LEU B 378 -34.95 0.95 -22.14
C LEU B 378 -34.09 0.16 -23.13
N GLN B 379 -33.19 -0.67 -22.62
CA GLN B 379 -32.41 -1.54 -23.50
C GLN B 379 -33.30 -2.53 -24.22
N LYS B 380 -34.11 -3.28 -23.47
CA LYS B 380 -34.95 -4.31 -24.07
C LYS B 380 -36.07 -3.70 -24.90
N LEU B 381 -36.56 -2.52 -24.53
CA LEU B 381 -37.64 -1.89 -25.29
C LEU B 381 -37.16 -1.42 -26.65
N LEU B 382 -36.01 -0.74 -26.68
CA LEU B 382 -35.45 -0.23 -27.93
C LEU B 382 -34.71 -1.29 -28.74
N LYS B 383 -34.68 -2.54 -28.26
CA LYS B 383 -34.06 -3.66 -28.97
C LYS B 383 -32.59 -3.35 -29.30
N ILE B 384 -31.85 -2.93 -28.27
CA ILE B 384 -30.44 -2.57 -28.39
C ILE B 384 -29.61 -3.59 -27.63
N GLN B 385 -28.55 -4.09 -28.26
CA GLN B 385 -27.61 -4.94 -27.57
C GLN B 385 -26.86 -4.14 -26.51
N LYS B 386 -26.39 -4.84 -25.47
CA LYS B 386 -25.77 -4.16 -24.34
C LYS B 386 -24.47 -3.46 -24.72
N LYS B 387 -23.81 -3.91 -25.80
CA LYS B 387 -22.54 -3.31 -26.20
C LYS B 387 -22.72 -1.92 -26.81
N LYS B 388 -23.92 -1.59 -27.29
CA LYS B 388 -24.15 -0.33 -27.98
C LYS B 388 -24.97 0.66 -27.16
N CYS B 389 -24.76 0.71 -25.85
CA CYS B 389 -25.46 1.67 -25.01
C CYS B 389 -24.56 2.02 -23.84
N CYS B 390 -24.59 3.29 -23.46
CA CYS B 390 -23.76 3.79 -22.36
C CYS B 390 -24.60 4.67 -21.43
N HIS B 391 -24.07 4.90 -20.24
CA HIS B 391 -24.77 5.64 -19.21
C HIS B 391 -23.80 6.59 -18.51
N ILE B 392 -24.26 7.81 -18.25
CA ILE B 392 -23.46 8.84 -17.58
C ILE B 392 -24.05 9.04 -16.18
N GLY B 393 -23.28 8.72 -15.14
CA GLY B 393 -23.75 8.85 -13.77
C GLY B 393 -22.59 8.96 -12.81
N ASP B 394 -22.88 9.48 -11.63
CA ASP B 394 -21.86 9.73 -10.61
C ASP B 394 -21.96 8.74 -9.47
N GLN B 395 -20.83 8.10 -9.17
CA GLN B 395 -20.76 7.05 -8.15
C GLN B 395 -20.40 7.58 -6.77
N PHE B 396 -20.03 8.86 -6.65
CA PHE B 396 -19.79 9.43 -5.33
C PHE B 396 -21.08 9.49 -4.52
N LEU B 397 -22.20 9.78 -5.19
CA LEU B 397 -23.48 9.94 -4.47
C LEU B 397 -24.02 8.60 -3.99
N HIS B 398 -23.84 7.53 -4.76
CA HIS B 398 -24.24 6.18 -4.33
C HIS B 398 -23.00 5.49 -3.74
N SER B 399 -22.89 5.53 -2.42
CA SER B 399 -21.68 5.07 -1.74
C SER B 399 -21.56 3.56 -1.74
N GLY B 400 -22.49 2.88 -1.04
CA GLY B 400 -22.43 1.43 -0.91
C GLY B 400 -22.86 0.67 -2.14
N ASN B 401 -23.43 1.35 -3.14
CA ASN B 401 -23.90 0.73 -4.38
C ASN B 401 -25.03 -0.26 -4.13
N ASP B 402 -24.78 -1.54 -4.46
CA ASP B 402 -25.78 -2.60 -4.51
C ASP B 402 -26.81 -2.36 -5.61
N PHE B 403 -26.83 -1.14 -6.16
CA PHE B 403 -27.53 -0.92 -7.42
C PHE B 403 -26.62 -0.34 -8.52
N PRO B 404 -25.33 -0.67 -8.58
CA PRO B 404 -24.51 -0.08 -9.65
C PRO B 404 -24.73 -0.83 -10.96
N THR B 405 -24.79 -0.07 -12.04
CA THR B 405 -25.12 -0.61 -13.36
C THR B 405 -23.89 -0.99 -14.16
N ARG B 406 -22.76 -1.26 -13.48
CA ARG B 406 -21.56 -1.67 -14.18
C ARG B 406 -21.76 -2.95 -14.99
N PHE B 407 -22.78 -3.74 -14.66
CA PHE B 407 -23.07 -4.95 -15.41
C PHE B 407 -24.21 -4.79 -16.40
N CYS B 408 -24.98 -3.70 -16.30
CA CYS B 408 -26.13 -3.50 -17.19
C CYS B 408 -25.74 -2.83 -18.49
N SER B 409 -24.89 -1.80 -18.42
CA SER B 409 -24.47 -1.06 -19.60
C SER B 409 -23.14 -0.40 -19.29
N LEU B 410 -22.57 0.24 -20.31
CA LEU B 410 -21.33 1.00 -20.10
C LEU B 410 -21.63 2.20 -19.20
N THR B 411 -20.70 2.50 -18.31
CA THR B 411 -20.90 3.49 -17.26
C THR B 411 -19.75 4.48 -17.26
N LEU B 412 -20.07 5.77 -17.20
CA LEU B 412 -19.08 6.84 -17.14
C LEU B 412 -19.21 7.57 -15.82
N TRP B 413 -18.08 8.05 -15.31
CA TRP B 413 -17.99 8.69 -14.00
C TRP B 413 -17.54 10.13 -14.21
N VAL B 414 -18.36 11.09 -13.75
CA VAL B 414 -18.20 12.49 -14.13
C VAL B 414 -18.56 13.41 -12.96
N SER B 415 -17.54 13.91 -12.26
CA SER B 415 -17.73 14.54 -10.95
C SER B 415 -18.59 15.81 -10.98
N ASN B 416 -18.72 16.48 -12.11
CA ASN B 416 -19.47 17.73 -12.18
C ASN B 416 -19.93 17.95 -13.61
N PRO B 417 -20.92 18.83 -13.84
CA PRO B 417 -21.40 19.06 -15.21
C PRO B 417 -20.32 19.45 -16.20
N GLN B 418 -19.21 20.02 -15.76
CA GLN B 418 -18.15 20.38 -16.69
C GLN B 418 -17.48 19.15 -17.28
N GLU B 419 -17.28 18.11 -16.47
CA GLU B 419 -16.74 16.87 -17.00
C GLU B 419 -17.75 16.17 -17.91
N THR B 420 -19.04 16.45 -17.71
CA THR B 420 -20.04 15.93 -18.64
C THR B 420 -19.90 16.59 -20.00
N LYS B 421 -19.69 17.89 -20.03
CA LYS B 421 -19.40 18.59 -21.29
C LYS B 421 -18.17 18.00 -21.97
N ALA B 422 -17.14 17.70 -21.19
CA ALA B 422 -15.92 17.13 -21.76
C ALA B 422 -16.17 15.73 -22.31
N CYS B 423 -16.94 14.91 -21.58
CA CYS B 423 -17.22 13.57 -22.07
C CYS B 423 -18.16 13.60 -23.27
N LEU B 424 -19.09 14.56 -23.30
CA LEU B 424 -20.01 14.65 -24.44
C LEU B 424 -19.32 15.23 -25.65
N LYS B 425 -18.29 16.07 -25.45
CA LYS B 425 -17.48 16.53 -26.59
C LYS B 425 -16.73 15.37 -27.21
N SER B 426 -16.23 14.44 -26.39
CA SER B 426 -15.56 13.25 -26.91
C SER B 426 -16.54 12.36 -27.65
N ILE B 427 -17.79 12.29 -27.17
CA ILE B 427 -18.80 11.52 -27.89
C ILE B 427 -19.07 12.15 -29.26
N MET B 428 -19.02 13.47 -29.34
CA MET B 428 -19.17 14.14 -30.63
C MET B 428 -18.01 13.81 -31.56
N HIS B 429 -16.79 13.79 -31.03
CA HIS B 429 -15.59 13.53 -31.82
C HIS B 429 -15.46 12.08 -32.26
N LEU B 430 -16.28 11.18 -31.71
CA LEU B 430 -16.08 9.75 -31.94
C LEU B 430 -16.41 9.36 -33.38
N ASN B 431 -17.48 9.90 -33.93
CA ASN B 431 -17.93 9.56 -35.28
C ASN B 431 -16.84 9.81 -36.32
#